data_5IPP
#
_entry.id   5IPP
#
_cell.length_a   51.031
_cell.length_b   125.193
_cell.length_c   116.818
_cell.angle_alpha   90.00
_cell.angle_beta   90.20
_cell.angle_gamma   90.00
#
_symmetry.space_group_name_H-M   'P 1 21 1'
#
loop_
_entity.id
_entity.type
_entity.pdbx_description
1 polymer 'Bifunctional oligoribonuclease and PAP phosphatase NrnA'
2 non-polymer 'ADENOSINE MONOPHOSPHATE'
3 water water
#
_entity_poly.entity_id   1
_entity_poly.type   'polypeptide(L)'
_entity_poly.pdbx_seq_one_letter_code
;MGSSHHHHHHENLYFQSMASMKTELIRTISLYDTIILHRHVRPDPDAYGSQCGLTEILRETYPEKNIFAVGTPEPSLSFL
YSLDEVDNETYEGALVIVCDTANQERIDDQRYPSGAKLMKIDAHPNEDPYGDLLWVDTSASSVSEMIYELYLEGKEHGWK
LNTKAAELIYAGIVGDTGRFLFPNTTEKTLKYAGELIQYPFSSSELFNQLYETKLNVVKLNGFIFQNVSLSENGAASVFI
KKDTLEKFGTTASEASQLVGTLGNISGIRAWVFFVEEDDQIRVRFRSKGPVINGLARKYNGGGHPLASGASIYSWDEADR
ILADLETLCKEHE
;
_entity_poly.pdbx_strand_id   A,B,C,D
#
loop_
_chem_comp.id
_chem_comp.type
_chem_comp.name
_chem_comp.formula
AMP non-polymer 'ADENOSINE MONOPHOSPHATE' 'C10 H14 N5 O7 P'
#
# COMPACT_ATOMS: atom_id res chain seq x y z
N SER A 17 26.02 -3.08 3.14
CA SER A 17 25.83 -4.51 2.90
C SER A 17 24.88 -5.12 3.92
N MET A 18 24.45 -6.35 3.65
CA MET A 18 23.53 -7.05 4.55
C MET A 18 24.25 -7.52 5.81
N ALA A 19 25.53 -7.84 5.67
CA ALA A 19 26.34 -8.31 6.80
C ALA A 19 26.43 -7.24 7.88
N SER A 20 26.54 -5.98 7.46
CA SER A 20 26.62 -4.87 8.39
C SER A 20 25.29 -4.60 9.07
N MET A 21 24.20 -4.83 8.34
CA MET A 21 22.87 -4.60 8.88
C MET A 21 22.45 -5.70 9.85
N LYS A 22 22.85 -6.94 9.57
CA LYS A 22 22.51 -8.05 10.48
C LYS A 22 23.24 -7.86 11.81
N THR A 23 24.50 -7.47 11.73
CA THR A 23 25.30 -7.25 12.93
C THR A 23 24.67 -6.16 13.79
N GLU A 24 24.21 -5.05 13.18
CA GLU A 24 23.57 -3.91 13.90
C GLU A 24 22.26 -4.28 14.54
N LEU A 25 21.54 -5.19 13.87
CA LEU A 25 20.28 -5.66 14.40
C LEU A 25 20.53 -6.41 15.68
N ILE A 26 21.52 -7.30 15.63
CA ILE A 26 21.87 -8.16 16.78
C ILE A 26 22.37 -7.25 17.95
N ARG A 27 23.21 -6.27 17.63
CA ARG A 27 23.74 -5.34 18.67
C ARG A 27 22.59 -4.63 19.32
N THR A 28 21.64 -4.14 18.51
CA THR A 28 20.51 -3.38 19.00
C THR A 28 19.60 -4.27 19.87
N ILE A 29 19.29 -5.49 19.38
CA ILE A 29 18.51 -6.44 20.18
C ILE A 29 19.15 -6.70 21.55
N SER A 30 20.48 -6.85 21.59
CA SER A 30 21.26 -6.96 22.83
C SER A 30 20.95 -5.92 23.89
N LEU A 31 20.79 -4.70 23.43
CA LEU A 31 20.66 -3.53 24.35
C LEU A 31 19.33 -3.39 25.10
N TYR A 32 18.24 -3.86 24.51
CA TYR A 32 16.93 -3.60 25.07
C TYR A 32 16.43 -4.60 26.07
N ASP A 33 15.99 -4.11 27.22
CA ASP A 33 15.36 -4.97 28.24
C ASP A 33 14.04 -5.59 27.78
N THR A 34 13.24 -4.80 27.07
CA THR A 34 11.92 -5.24 26.63
C THR A 34 11.82 -5.17 25.09
N ILE A 35 11.31 -6.24 24.48
CA ILE A 35 11.24 -6.36 23.02
C ILE A 35 9.85 -6.93 22.61
N ILE A 36 9.19 -6.24 21.72
CA ILE A 36 7.82 -6.60 21.39
C ILE A 36 7.75 -6.77 19.87
N LEU A 37 7.14 -7.86 19.39
CA LEU A 37 7.26 -8.14 17.94
C LEU A 37 5.89 -8.18 17.33
N HIS A 38 5.77 -7.49 16.19
CA HIS A 38 4.53 -7.45 15.45
C HIS A 38 4.74 -8.09 14.07
N ARG A 39 3.62 -8.37 13.41
CA ARG A 39 3.63 -8.63 12.00
C ARG A 39 2.30 -8.09 11.34
N HIS A 40 2.01 -8.53 10.10
CA HIS A 40 0.85 -8.01 9.31
C HIS A 40 -0.52 -8.53 9.75
N VAL A 41 -1.60 -7.71 9.60
CA VAL A 41 -2.97 -8.22 9.84
C VAL A 41 -3.29 -9.39 8.91
N ARG A 42 -4.23 -10.26 9.31
CA ARG A 42 -4.52 -11.48 8.55
C ARG A 42 -3.25 -12.29 8.31
N PRO A 43 -2.67 -12.80 9.40
CA PRO A 43 -1.32 -13.35 9.30
C PRO A 43 -1.34 -14.66 8.52
N ASP A 44 -0.25 -14.94 7.85
CA ASP A 44 -0.08 -16.21 7.10
C ASP A 44 1.08 -16.98 7.78
N PRO A 45 1.45 -18.15 7.26
CA PRO A 45 2.55 -18.87 7.85
C PRO A 45 3.81 -18.04 7.96
N ASP A 46 4.15 -17.23 6.95
CA ASP A 46 5.44 -16.47 7.03
C ASP A 46 5.35 -15.45 8.20
N ALA A 47 4.16 -14.93 8.48
CA ALA A 47 4.02 -13.92 9.57
C ALA A 47 4.30 -14.59 10.88
N TYR A 48 3.69 -15.76 11.07
CA TYR A 48 3.95 -16.51 12.30
C TYR A 48 5.40 -16.98 12.40
N GLY A 49 5.89 -17.56 11.32
CA GLY A 49 7.28 -18.10 11.30
C GLY A 49 8.34 -17.04 11.58
N SER A 50 8.15 -15.83 11.04
CA SER A 50 9.16 -14.79 11.27
C SER A 50 8.95 -14.16 12.63
N GLN A 51 7.75 -13.66 12.90
CA GLN A 51 7.51 -13.02 14.20
C GLN A 51 7.71 -13.95 15.41
N CYS A 52 7.04 -15.11 15.39
CA CYS A 52 7.14 -16.03 16.49
C CYS A 52 8.47 -16.83 16.55
N GLY A 53 9.03 -17.10 15.39
CA GLY A 53 10.32 -17.81 15.35
C GLY A 53 11.35 -16.91 16.00
N LEU A 54 11.36 -15.63 15.61
CA LEU A 54 12.26 -14.68 16.26
C LEU A 54 11.94 -14.50 17.74
N THR A 55 10.67 -14.37 18.11
CA THR A 55 10.32 -14.32 19.53
C THR A 55 10.94 -15.49 20.34
N GLU A 56 10.78 -16.70 19.81
CA GLU A 56 11.29 -17.92 20.41
C GLU A 56 12.81 -18.03 20.48
N ILE A 57 13.51 -17.53 19.46
CA ILE A 57 14.99 -17.37 19.53
C ILE A 57 15.38 -16.45 20.70
N LEU A 58 14.68 -15.33 20.82
CA LEU A 58 15.05 -14.33 21.79
C LEU A 58 14.67 -14.82 23.21
N ARG A 59 13.55 -15.52 23.33
CA ARG A 59 13.21 -16.09 24.64
C ARG A 59 14.24 -17.14 25.07
N GLU A 60 14.62 -18.01 24.14
CA GLU A 60 15.58 -19.05 24.48
C GLU A 60 16.98 -18.42 24.78
N THR A 61 17.33 -17.38 24.08
CA THR A 61 18.67 -16.79 24.14
C THR A 61 18.83 -15.84 25.35
N TYR A 62 17.73 -15.13 25.66
CA TYR A 62 17.73 -14.05 26.65
C TYR A 62 16.56 -14.26 27.62
N PRO A 63 16.65 -15.31 28.48
CA PRO A 63 15.67 -15.55 29.53
C PRO A 63 15.44 -14.33 30.40
N GLU A 64 16.44 -13.47 30.57
CA GLU A 64 16.26 -12.24 31.38
C GLU A 64 15.37 -11.16 30.70
N LYS A 65 15.28 -11.16 29.36
CA LYS A 65 14.52 -10.11 28.68
C LYS A 65 13.00 -10.33 28.79
N ASN A 66 12.24 -9.27 28.55
CA ASN A 66 10.79 -9.44 28.48
C ASN A 66 10.41 -9.38 27.02
N ILE A 67 9.99 -10.51 26.47
CA ILE A 67 9.79 -10.61 25.03
C ILE A 67 8.33 -10.95 24.78
N PHE A 68 7.67 -10.20 23.89
CA PHE A 68 6.24 -10.41 23.59
C PHE A 68 5.96 -10.43 22.11
N ALA A 69 4.96 -11.21 21.73
CA ALA A 69 4.50 -11.25 20.35
C ALA A 69 3.05 -10.90 20.41
N VAL A 70 2.65 -9.86 19.69
CA VAL A 70 1.32 -9.27 19.80
C VAL A 70 0.59 -9.38 18.47
N GLY A 71 -0.71 -9.08 18.45
CA GLY A 71 -1.54 -9.28 17.22
C GLY A 71 -2.71 -10.19 17.52
N THR A 72 -3.69 -10.24 16.62
CA THR A 72 -4.83 -11.13 16.83
C THR A 72 -4.43 -12.50 16.18
N PRO A 73 -4.62 -13.64 16.88
CA PRO A 73 -4.35 -14.97 16.30
C PRO A 73 -5.19 -15.24 15.06
N GLU A 74 -4.62 -16.01 14.14
CA GLU A 74 -5.35 -16.62 13.06
C GLU A 74 -5.70 -18.03 13.56
N PRO A 75 -7.01 -18.31 13.72
CA PRO A 75 -7.38 -19.59 14.36
C PRO A 75 -6.76 -20.83 13.63
N SER A 76 -6.63 -20.76 12.30
CA SER A 76 -5.99 -21.84 11.52
C SER A 76 -4.50 -22.01 11.72
N LEU A 77 -3.83 -21.03 12.36
CA LEU A 77 -2.39 -21.06 12.55
C LEU A 77 -2.04 -20.98 14.03
N SER A 78 -3.12 -20.88 14.82
CA SER A 78 -3.01 -20.79 16.26
C SER A 78 -2.24 -21.98 16.88
N PHE A 79 -2.20 -23.12 16.18
CA PHE A 79 -1.44 -24.27 16.67
C PHE A 79 0.08 -24.05 16.75
N LEU A 80 0.64 -23.19 15.88
CA LEU A 80 2.10 -22.86 15.89
C LEU A 80 2.59 -22.16 17.18
N TYR A 81 1.79 -21.28 17.76
CA TYR A 81 2.31 -20.46 18.87
C TYR A 81 1.12 -19.63 19.41
N SER A 82 1.15 -19.35 20.71
CA SER A 82 0.21 -18.41 21.32
C SER A 82 0.78 -16.99 21.51
N LEU A 83 -0.09 -16.00 21.36
CA LEU A 83 0.33 -14.60 21.36
C LEU A 83 0.14 -13.96 22.72
N ASP A 84 0.68 -12.76 22.92
CA ASP A 84 0.63 -12.12 24.21
C ASP A 84 -0.30 -10.92 24.19
N GLU A 85 -0.90 -10.64 25.34
CA GLU A 85 -1.54 -9.36 25.56
C GLU A 85 -0.70 -8.46 26.44
N VAL A 86 -0.45 -7.26 25.98
CA VAL A 86 0.47 -6.40 26.63
C VAL A 86 -0.16 -5.03 26.87
N ASP A 87 0.19 -4.39 28.00
CA ASP A 87 -0.29 -3.07 28.40
C ASP A 87 0.41 -2.01 27.56
N ASN A 88 -0.22 -0.84 27.34
CA ASN A 88 0.47 0.28 26.68
C ASN A 88 1.80 0.62 27.39
N GLU A 89 1.82 0.60 28.70
CA GLU A 89 3.01 0.89 29.51
C GLU A 89 4.26 0.13 29.07
N THR A 90 4.03 -1.12 28.76
CA THR A 90 5.05 -2.11 28.36
C THR A 90 5.92 -1.62 27.23
N TYR A 91 5.36 -0.76 26.37
CA TYR A 91 6.07 -0.17 25.21
C TYR A 91 7.10 0.89 25.59
N GLU A 92 6.87 1.53 26.74
CA GLU A 92 7.77 2.61 27.21
C GLU A 92 9.26 2.17 27.20
N GLY A 93 10.07 2.75 26.32
CA GLY A 93 11.51 2.33 26.32
C GLY A 93 11.81 0.96 25.65
N ALA A 94 10.77 0.30 25.14
CA ALA A 94 10.90 -0.99 24.40
C ALA A 94 11.47 -0.87 22.99
N LEU A 95 12.11 -1.96 22.56
CA LEU A 95 12.45 -2.14 21.17
C LEU A 95 11.22 -2.81 20.52
N VAL A 96 10.76 -2.26 19.42
CA VAL A 96 9.63 -2.89 18.70
C VAL A 96 10.18 -3.40 17.36
N ILE A 97 9.89 -4.66 17.03
CA ILE A 97 10.40 -5.25 15.78
C ILE A 97 9.15 -5.63 14.96
N VAL A 98 9.09 -5.20 13.72
CA VAL A 98 7.93 -5.55 12.88
C VAL A 98 8.44 -6.47 11.79
N CYS A 99 7.86 -7.66 11.69
CA CYS A 99 8.25 -8.61 10.66
C CYS A 99 7.25 -8.68 9.55
N ASP A 100 7.76 -8.79 8.30
CA ASP A 100 6.93 -9.27 7.17
C ASP A 100 5.72 -8.31 6.89
N THR A 101 5.91 -7.00 7.09
CA THR A 101 4.82 -6.03 6.83
C THR A 101 5.34 -4.89 5.93
N ALA A 102 4.94 -4.90 4.66
CA ALA A 102 5.50 -3.97 3.64
C ALA A 102 5.00 -2.57 3.95
N ASN A 103 3.73 -2.47 4.35
CA ASN A 103 3.11 -1.18 4.60
C ASN A 103 2.76 -1.03 6.06
N GLN A 104 3.27 0.02 6.69
CA GLN A 104 3.07 0.21 8.15
C GLN A 104 1.62 0.32 8.54
N GLU A 105 0.76 0.74 7.62
CA GLU A 105 -0.66 0.78 7.85
C GLU A 105 -1.32 -0.59 8.01
N ARG A 106 -0.64 -1.65 7.57
CA ARG A 106 -1.16 -3.00 7.68
C ARG A 106 -0.58 -3.77 8.93
N ILE A 107 0.20 -3.07 9.76
CA ILE A 107 0.72 -3.71 10.96
C ILE A 107 -0.40 -4.03 11.93
N ASP A 108 -0.40 -5.27 12.41
CA ASP A 108 -1.28 -5.72 13.47
C ASP A 108 -0.82 -5.10 14.79
N ASP A 109 -1.76 -4.41 15.44
CA ASP A 109 -1.52 -3.68 16.69
C ASP A 109 -0.74 -2.44 16.33
N GLN A 110 -1.47 -1.31 16.28
CA GLN A 110 -0.88 -0.09 15.77
C GLN A 110 -0.07 0.68 16.80
N ARG A 111 0.25 0.05 17.91
CA ARG A 111 1.17 0.64 18.91
C ARG A 111 2.69 0.55 18.54
N TYR A 112 2.96 -0.03 17.39
CA TYR A 112 4.34 -0.33 17.01
C TYR A 112 5.32 0.92 17.03
N PRO A 113 4.83 2.19 16.77
CA PRO A 113 5.81 3.30 16.78
C PRO A 113 5.99 3.95 18.18
N SER A 114 5.38 3.35 19.19
CA SER A 114 5.36 3.88 20.53
C SER A 114 6.50 3.41 21.47
N GLY A 115 7.43 2.63 20.96
CA GLY A 115 8.58 2.20 21.81
C GLY A 115 9.70 3.22 21.72
N ALA A 116 10.86 2.92 22.31
CA ALA A 116 12.02 3.78 22.14
C ALA A 116 12.65 3.63 20.77
N LYS A 117 12.42 2.49 20.13
CA LYS A 117 12.99 2.23 18.81
C LYS A 117 12.03 1.41 17.95
N LEU A 118 12.34 1.33 16.65
CA LEU A 118 11.51 0.59 15.70
C LEU A 118 12.45 -0.11 14.72
N MET A 119 12.27 -1.41 14.57
CA MET A 119 13.11 -2.20 13.67
C MET A 119 12.18 -2.86 12.64
N LYS A 120 12.50 -2.71 11.36
CA LYS A 120 11.73 -3.34 10.29
C LYS A 120 12.53 -4.47 9.62
N ILE A 121 11.95 -5.66 9.52
CA ILE A 121 12.59 -6.76 8.84
C ILE A 121 11.55 -7.29 7.80
N ASP A 122 11.85 -7.24 6.52
CA ASP A 122 10.88 -7.67 5.55
C ASP A 122 11.54 -8.14 4.30
N ALA A 123 10.81 -8.94 3.53
CA ALA A 123 11.34 -9.43 2.28
C ALA A 123 10.61 -8.86 1.06
N HIS A 124 9.78 -7.83 1.25
CA HIS A 124 9.00 -7.25 0.14
C HIS A 124 9.64 -5.91 -0.20
N PRO A 125 9.39 -5.39 -1.41
CA PRO A 125 9.99 -4.09 -1.77
C PRO A 125 9.75 -3.01 -0.74
N ASN A 126 10.80 -2.25 -0.47
CA ASN A 126 10.80 -1.26 0.60
C ASN A 126 10.13 0.06 0.15
N GLU A 127 8.91 -0.04 -0.34
CA GLU A 127 8.13 1.12 -0.78
C GLU A 127 7.74 2.04 0.36
N ASP A 128 7.60 1.46 1.56
CA ASP A 128 7.28 2.19 2.77
C ASP A 128 8.46 1.99 3.73
N PRO A 129 9.50 2.84 3.62
CA PRO A 129 10.73 2.58 4.39
C PRO A 129 10.71 3.14 5.82
N TYR A 130 9.82 2.57 6.64
CA TYR A 130 9.68 2.96 8.00
C TYR A 130 10.71 2.24 8.89
N GLY A 131 10.92 2.78 10.08
CA GLY A 131 11.79 2.14 11.10
C GLY A 131 13.04 2.98 11.35
N ASP A 132 13.63 2.78 12.51
CA ASP A 132 14.99 3.29 12.81
C ASP A 132 16.08 2.41 12.27
N LEU A 133 15.87 1.10 12.30
CA LEU A 133 16.83 0.16 11.67
C LEU A 133 15.97 -0.65 10.68
N LEU A 134 16.44 -0.79 9.45
CA LEU A 134 15.70 -1.47 8.40
C LEU A 134 16.55 -2.58 7.80
N TRP A 135 15.98 -3.77 7.67
CA TRP A 135 16.69 -4.78 6.92
C TRP A 135 15.64 -5.36 5.98
N VAL A 136 15.77 -5.08 4.70
CA VAL A 136 14.78 -5.55 3.73
C VAL A 136 15.60 -6.28 2.64
N ASP A 137 15.31 -7.54 2.42
CA ASP A 137 16.06 -8.27 1.43
C ASP A 137 15.05 -8.94 0.53
N THR A 138 14.90 -8.38 -0.68
CA THR A 138 13.91 -8.91 -1.64
C THR A 138 14.38 -10.18 -2.33
N SER A 139 15.63 -10.58 -2.08
CA SER A 139 16.13 -11.85 -2.66
C SER A 139 15.72 -13.08 -1.80
N ALA A 140 15.31 -12.79 -0.57
CA ALA A 140 14.97 -13.81 0.38
C ALA A 140 13.61 -14.40 -0.02
N SER A 141 13.45 -15.69 0.18
CA SER A 141 12.15 -16.34 -0.08
C SER A 141 11.02 -15.74 0.73
N SER A 142 11.32 -15.34 1.96
CA SER A 142 10.28 -15.19 2.95
C SER A 142 11.00 -14.48 4.07
N VAL A 143 10.25 -13.91 5.00
CA VAL A 143 10.93 -13.31 6.16
C VAL A 143 11.36 -14.40 7.15
N SER A 144 10.69 -15.55 7.13
CA SER A 144 11.17 -16.65 7.95
C SER A 144 12.60 -17.07 7.54
N GLU A 145 12.87 -17.14 6.25
CA GLU A 145 14.23 -17.36 5.79
C GLU A 145 15.21 -16.28 6.31
N MET A 146 14.78 -15.00 6.20
CA MET A 146 15.55 -13.91 6.82
C MET A 146 15.81 -14.10 8.34
N ILE A 147 14.85 -14.66 9.07
CA ILE A 147 15.09 -14.88 10.51
C ILE A 147 16.16 -15.98 10.72
N TYR A 148 16.11 -17.03 9.89
CA TYR A 148 17.09 -18.11 10.01
C TYR A 148 18.50 -17.51 9.71
N GLU A 149 18.59 -16.68 8.68
CA GLU A 149 19.81 -16.02 8.30
C GLU A 149 20.36 -15.18 9.44
N LEU A 150 19.48 -14.46 10.11
CA LEU A 150 19.88 -13.61 11.21
C LEU A 150 20.36 -14.47 12.41
N TYR A 151 19.64 -15.59 12.64
CA TYR A 151 20.05 -16.55 13.63
C TYR A 151 21.50 -17.05 13.28
N LEU A 152 21.78 -17.33 12.00
CA LEU A 152 23.10 -17.88 11.67
C LEU A 152 24.22 -16.90 12.11
N GLU A 153 23.96 -15.60 11.95
CA GLU A 153 24.92 -14.61 12.41
C GLU A 153 24.85 -14.52 13.91
N GLY A 154 23.65 -14.46 14.45
CA GLY A 154 23.45 -14.41 15.87
C GLY A 154 24.09 -15.58 16.65
N LYS A 155 24.28 -16.69 16.01
CA LYS A 155 24.87 -17.84 16.62
C LYS A 155 26.24 -17.45 17.20
N GLU A 156 26.93 -16.57 16.51
CA GLU A 156 28.28 -16.14 16.84
C GLU A 156 28.23 -15.09 17.96
N HIS A 157 27.01 -14.76 18.35
CA HIS A 157 26.76 -13.87 19.51
C HIS A 157 25.98 -14.59 20.61
N GLY A 158 25.92 -15.91 20.53
CA GLY A 158 25.36 -16.67 21.60
C GLY A 158 23.88 -17.00 21.38
N TRP A 159 23.32 -16.63 20.23
CA TRP A 159 21.86 -16.94 20.00
C TRP A 159 21.63 -18.46 19.97
N LYS A 160 20.50 -18.93 20.49
CA LYS A 160 20.21 -20.36 20.49
C LYS A 160 18.87 -20.70 19.83
N LEU A 161 18.90 -21.64 18.88
CA LEU A 161 17.67 -22.10 18.24
C LEU A 161 17.20 -23.39 18.84
N ASN A 162 15.97 -23.40 19.37
CA ASN A 162 15.39 -24.64 19.90
C ASN A 162 14.44 -25.28 18.91
N THR A 163 13.87 -26.42 19.30
CA THR A 163 12.94 -27.17 18.47
C THR A 163 11.68 -26.37 18.07
N LYS A 164 11.13 -25.59 19.02
CA LYS A 164 9.93 -24.83 18.67
C LYS A 164 10.28 -23.75 17.61
N ALA A 165 11.36 -23.00 17.86
CA ALA A 165 11.78 -21.97 16.90
C ALA A 165 12.09 -22.59 15.49
N ALA A 166 12.71 -23.79 15.49
CA ALA A 166 13.05 -24.39 14.16
C ALA A 166 11.74 -24.72 13.43
N GLU A 167 10.77 -25.22 14.20
CA GLU A 167 9.51 -25.63 13.65
C GLU A 167 8.78 -24.45 13.05
N LEU A 168 8.73 -23.37 13.83
CA LEU A 168 8.12 -22.09 13.36
C LEU A 168 8.73 -21.55 12.04
N ILE A 169 10.06 -21.54 11.95
CA ILE A 169 10.75 -20.98 10.80
C ILE A 169 10.49 -21.88 9.59
N TYR A 170 10.51 -23.20 9.86
CA TYR A 170 10.22 -24.17 8.81
C TYR A 170 8.79 -24.00 8.29
N ALA A 171 7.86 -23.81 9.20
CA ALA A 171 6.44 -23.56 8.81
C ALA A 171 6.32 -22.31 7.92
N GLY A 172 7.06 -21.28 8.28
CA GLY A 172 7.05 -20.04 7.51
C GLY A 172 7.58 -20.23 6.10
N ILE A 173 8.75 -20.84 6.00
CA ILE A 173 9.39 -21.11 4.71
C ILE A 173 8.49 -21.95 3.82
N VAL A 174 7.96 -23.03 4.39
CA VAL A 174 7.15 -24.02 3.66
C VAL A 174 5.84 -23.36 3.24
N GLY A 175 5.16 -22.64 4.13
CA GLY A 175 4.02 -21.80 3.82
C GLY A 175 4.22 -20.86 2.68
N ASP A 176 5.31 -20.11 2.73
CA ASP A 176 5.42 -19.00 1.84
C ASP A 176 5.88 -19.41 0.47
N THR A 177 6.51 -20.60 0.34
CA THR A 177 6.96 -21.05 -0.97
C THR A 177 6.07 -22.08 -1.55
N GLY A 178 4.94 -22.33 -0.91
CA GLY A 178 4.02 -23.40 -1.35
C GLY A 178 4.77 -24.76 -1.27
N ARG A 179 5.57 -24.94 -0.22
CA ARG A 179 6.43 -26.13 -0.05
C ARG A 179 7.40 -26.26 -1.24
N PHE A 180 8.23 -25.23 -1.43
CA PHE A 180 9.33 -25.17 -2.44
C PHE A 180 8.83 -25.26 -3.86
N LEU A 181 7.58 -24.87 -4.08
CA LEU A 181 6.95 -24.84 -5.40
C LEU A 181 7.20 -23.50 -6.11
N PHE A 182 6.99 -22.39 -5.39
CA PHE A 182 6.92 -21.07 -6.01
C PHE A 182 8.31 -20.51 -6.38
N PRO A 183 8.34 -19.53 -7.30
CA PRO A 183 9.63 -19.01 -7.79
C PRO A 183 10.45 -18.24 -6.74
N ASN A 184 9.89 -17.92 -5.57
CA ASN A 184 10.70 -17.31 -4.46
C ASN A 184 11.62 -18.33 -3.78
N THR A 185 11.44 -19.64 -4.07
CA THR A 185 12.30 -20.70 -3.54
C THR A 185 13.68 -20.58 -4.16
N THR A 186 14.76 -20.55 -3.38
CA THR A 186 16.10 -20.56 -3.97
C THR A 186 16.94 -21.66 -3.34
N GLU A 187 18.15 -21.70 -3.67
CA GLU A 187 19.08 -22.74 -3.13
C GLU A 187 19.31 -22.55 -1.66
N LYS A 188 19.37 -21.31 -1.22
CA LYS A 188 19.41 -21.01 0.20
C LYS A 188 18.18 -21.56 0.91
N THR A 189 17.03 -21.36 0.33
CA THR A 189 15.77 -21.78 0.97
C THR A 189 15.82 -23.27 1.30
N LEU A 190 16.25 -24.03 0.30
CA LEU A 190 16.27 -25.48 0.48
C LEU A 190 17.39 -25.94 1.46
N LYS A 191 18.53 -25.30 1.36
CA LYS A 191 19.61 -25.56 2.26
C LYS A 191 19.15 -25.34 3.70
N TYR A 192 18.57 -24.17 3.98
CA TYR A 192 18.11 -23.90 5.34
C TYR A 192 17.04 -24.88 5.78
N ALA A 193 16.14 -25.29 4.88
CA ALA A 193 15.06 -26.23 5.28
C ALA A 193 15.70 -27.57 5.75
N GLY A 194 16.77 -27.96 5.06
CA GLY A 194 17.48 -29.23 5.42
C GLY A 194 18.17 -29.10 6.77
N GLU A 195 18.74 -27.94 7.06
CA GLU A 195 19.24 -27.66 8.43
C GLU A 195 18.12 -27.69 9.51
N LEU A 196 16.96 -27.09 9.21
CA LEU A 196 15.80 -27.00 10.15
C LEU A 196 15.11 -28.32 10.42
N ILE A 197 15.02 -29.13 9.37
CA ILE A 197 14.34 -30.42 9.53
C ILE A 197 15.14 -31.37 10.42
N GLN A 198 16.43 -31.08 10.60
CA GLN A 198 17.19 -31.83 11.65
C GLN A 198 16.69 -31.74 13.12
N TYR A 199 15.89 -30.70 13.43
CA TYR A 199 15.32 -30.55 14.78
C TYR A 199 14.16 -31.50 15.00
N PRO A 200 14.01 -31.98 16.25
CA PRO A 200 13.01 -33.09 16.42
C PRO A 200 11.53 -32.63 16.52
N PHE A 201 11.02 -31.88 15.55
CA PHE A 201 9.59 -31.67 15.44
C PHE A 201 9.11 -32.57 14.31
N SER A 202 7.82 -32.84 14.33
CA SER A 202 7.23 -33.70 13.33
C SER A 202 6.80 -32.90 12.13
N SER A 203 7.53 -33.07 11.03
CA SER A 203 7.24 -32.41 9.79
C SER A 203 5.87 -32.84 9.22
N SER A 204 5.61 -34.14 9.30
CA SER A 204 4.33 -34.66 8.82
C SER A 204 3.13 -34.09 9.62
N GLU A 205 3.24 -33.97 10.93
CA GLU A 205 2.18 -33.36 11.72
C GLU A 205 2.01 -31.88 11.39
N LEU A 206 3.13 -31.19 11.22
CA LEU A 206 3.07 -29.76 10.82
C LEU A 206 2.29 -29.62 9.51
N PHE A 207 2.63 -30.44 8.51
CA PHE A 207 1.99 -30.37 7.21
C PHE A 207 0.49 -30.61 7.36
N ASN A 208 0.15 -31.68 8.07
CA ASN A 208 -1.26 -32.03 8.35
C ASN A 208 -2.10 -30.87 8.94
N GLN A 209 -1.52 -30.14 9.88
CA GLN A 209 -2.21 -28.99 10.45
C GLN A 209 -2.24 -27.75 9.55
N LEU A 210 -1.15 -27.49 8.82
CA LEU A 210 -1.13 -26.37 7.88
C LEU A 210 -2.09 -26.53 6.73
N TYR A 211 -2.28 -27.77 6.24
CA TYR A 211 -3.10 -27.98 5.04
C TYR A 211 -4.57 -28.30 5.31
N GLU A 212 -4.94 -28.46 6.57
CA GLU A 212 -6.32 -28.77 6.99
C GLU A 212 -7.26 -27.76 6.50
N THR A 213 -8.29 -28.22 5.81
CA THR A 213 -9.22 -27.36 5.12
C THR A 213 -10.65 -27.66 5.53
N LYS A 214 -11.41 -26.60 5.87
CA LYS A 214 -12.82 -26.75 6.19
C LYS A 214 -13.56 -27.43 5.04
N LEU A 215 -14.37 -28.41 5.38
CA LEU A 215 -15.22 -29.07 4.42
C LEU A 215 -15.96 -28.10 3.43
N ASN A 216 -16.49 -26.99 3.91
CA ASN A 216 -17.32 -26.20 3.00
C ASN A 216 -16.48 -25.47 1.93
N VAL A 217 -15.26 -25.06 2.31
CA VAL A 217 -14.25 -24.47 1.41
C VAL A 217 -13.84 -25.56 0.45
N VAL A 218 -13.67 -26.81 0.95
CA VAL A 218 -13.49 -27.95 0.00
C VAL A 218 -14.62 -28.10 -1.05
N LYS A 219 -15.84 -28.00 -0.58
CA LYS A 219 -16.97 -28.13 -1.48
C LYS A 219 -17.04 -26.98 -2.46
N LEU A 220 -16.80 -25.77 -1.97
CA LEU A 220 -16.70 -24.59 -2.86
C LEU A 220 -15.60 -24.85 -3.93
N ASN A 221 -14.44 -25.38 -3.52
CA ASN A 221 -13.35 -25.65 -4.49
C ASN A 221 -13.82 -26.64 -5.55
N GLY A 222 -14.70 -27.58 -5.15
CA GLY A 222 -15.22 -28.51 -6.10
C GLY A 222 -16.19 -27.85 -7.06
N PHE A 223 -17.04 -26.95 -6.54
CA PHE A 223 -17.85 -26.09 -7.44
C PHE A 223 -16.92 -25.36 -8.44
N ILE A 224 -15.85 -24.77 -7.94
CA ILE A 224 -14.90 -24.00 -8.78
C ILE A 224 -14.32 -24.92 -9.90
N PHE A 225 -13.88 -26.12 -9.50
CA PHE A 225 -13.29 -27.09 -10.42
C PHE A 225 -14.30 -27.56 -11.45
N GLN A 226 -15.55 -27.81 -11.07
CA GLN A 226 -16.55 -28.17 -12.08
C GLN A 226 -16.99 -27.03 -12.97
N ASN A 227 -16.85 -25.77 -12.51
CA ASN A 227 -17.43 -24.66 -13.26
C ASN A 227 -16.43 -23.74 -13.95
N VAL A 228 -15.19 -24.20 -14.05
CA VAL A 228 -14.13 -23.47 -14.76
C VAL A 228 -14.25 -23.65 -16.27
N SER A 229 -14.32 -22.52 -16.96
CA SER A 229 -14.35 -22.48 -18.41
C SER A 229 -12.97 -22.14 -18.95
N LEU A 230 -12.51 -22.95 -19.90
CA LEU A 230 -11.16 -22.80 -20.50
C LEU A 230 -11.33 -22.64 -22.03
N SER A 231 -10.84 -21.53 -22.58
CA SER A 231 -10.90 -21.30 -24.04
C SER A 231 -9.75 -21.97 -24.73
N GLU A 232 -9.79 -22.01 -26.07
CA GLU A 232 -8.71 -22.63 -26.85
C GLU A 232 -7.42 -21.85 -26.74
N ASN A 233 -7.51 -20.60 -26.31
CA ASN A 233 -6.32 -19.82 -26.11
C ASN A 233 -5.82 -19.86 -24.66
N GLY A 234 -6.44 -20.69 -23.83
CA GLY A 234 -5.86 -20.92 -22.50
C GLY A 234 -6.35 -19.90 -21.49
N ALA A 235 -7.45 -19.19 -21.84
CA ALA A 235 -8.06 -18.24 -20.91
C ALA A 235 -9.12 -18.92 -20.09
N ALA A 236 -9.12 -18.72 -18.78
CA ALA A 236 -10.06 -19.42 -17.92
C ALA A 236 -10.76 -18.45 -16.97
N SER A 237 -11.97 -18.82 -16.58
CA SER A 237 -12.80 -18.01 -15.71
C SER A 237 -13.68 -18.83 -14.77
N VAL A 238 -13.85 -18.23 -13.60
CA VAL A 238 -14.76 -18.71 -12.63
C VAL A 238 -15.51 -17.54 -12.03
N PHE A 239 -16.84 -17.66 -12.05
CA PHE A 239 -17.75 -16.69 -11.45
C PHE A 239 -18.25 -17.23 -10.13
N ILE A 240 -18.06 -16.46 -9.07
CA ILE A 240 -18.53 -16.85 -7.74
C ILE A 240 -19.50 -15.81 -7.17
N LYS A 241 -20.78 -15.98 -7.50
CA LYS A 241 -21.83 -15.10 -7.05
C LYS A 241 -22.41 -15.40 -5.67
N LYS A 242 -23.14 -14.42 -5.14
CA LYS A 242 -23.68 -14.48 -3.79
C LYS A 242 -24.43 -15.78 -3.53
N ASP A 243 -25.17 -16.24 -4.52
CA ASP A 243 -25.94 -17.48 -4.39
C ASP A 243 -25.03 -18.67 -4.06
N THR A 244 -23.87 -18.71 -4.70
CA THR A 244 -22.92 -19.79 -4.51
C THR A 244 -22.28 -19.64 -3.13
N LEU A 245 -21.84 -18.43 -2.82
CA LEU A 245 -21.28 -18.14 -1.51
C LEU A 245 -22.22 -18.62 -0.38
N GLU A 246 -23.50 -18.22 -0.48
CA GLU A 246 -24.54 -18.64 0.47
C GLU A 246 -24.73 -20.13 0.48
N LYS A 247 -24.85 -20.75 -0.69
CA LYS A 247 -24.98 -22.22 -0.69
C LYS A 247 -23.88 -22.99 0.11
N PHE A 248 -22.62 -22.57 -0.03
CA PHE A 248 -21.52 -23.31 0.58
C PHE A 248 -21.18 -22.80 1.98
N GLY A 249 -21.73 -21.64 2.32
CA GLY A 249 -21.44 -21.09 3.65
C GLY A 249 -20.02 -20.55 3.71
N THR A 250 -19.53 -20.07 2.57
CA THR A 250 -18.15 -19.59 2.50
C THR A 250 -18.16 -18.08 2.34
N THR A 251 -17.17 -17.43 2.93
CA THR A 251 -17.07 -15.98 2.75
C THR A 251 -16.47 -15.69 1.37
N ALA A 252 -16.65 -14.45 0.93
CA ALA A 252 -15.98 -13.98 -0.27
C ALA A 252 -14.44 -14.08 -0.18
N SER A 253 -13.82 -13.84 0.99
CA SER A 253 -12.35 -14.01 1.07
C SER A 253 -11.91 -15.46 0.88
N GLU A 254 -12.70 -16.38 1.41
CA GLU A 254 -12.45 -17.81 1.23
C GLU A 254 -12.47 -18.18 -0.23
N ALA A 255 -13.46 -17.68 -0.95
CA ALA A 255 -13.53 -17.93 -2.37
C ALA A 255 -12.31 -17.38 -3.12
N SER A 256 -11.95 -16.13 -2.84
CA SER A 256 -10.85 -15.47 -3.52
C SER A 256 -9.53 -16.18 -3.27
N GLN A 257 -9.39 -16.78 -2.08
CA GLN A 257 -8.15 -17.47 -1.71
C GLN A 257 -7.88 -18.70 -2.60
N LEU A 258 -8.94 -19.24 -3.17
CA LEU A 258 -8.84 -20.44 -4.02
C LEU A 258 -8.40 -20.13 -5.44
N VAL A 259 -8.09 -18.86 -5.72
CA VAL A 259 -7.75 -18.51 -7.14
C VAL A 259 -6.52 -19.26 -7.65
N GLY A 260 -5.65 -19.69 -6.75
CA GLY A 260 -4.39 -20.32 -7.18
C GLY A 260 -4.60 -21.79 -7.56
N THR A 261 -5.79 -22.34 -7.25
CA THR A 261 -5.97 -23.81 -7.43
C THR A 261 -6.18 -24.26 -8.87
N LEU A 262 -6.30 -23.34 -9.80
CA LEU A 262 -6.45 -23.68 -11.21
C LEU A 262 -5.12 -23.89 -11.92
N GLY A 263 -4.01 -23.63 -11.24
CA GLY A 263 -2.70 -23.51 -11.87
C GLY A 263 -2.15 -24.64 -12.72
N ASN A 264 -2.68 -25.85 -12.55
CA ASN A 264 -2.14 -27.03 -13.23
C ASN A 264 -2.99 -27.52 -14.39
N ILE A 265 -4.20 -26.99 -14.52
CA ILE A 265 -5.11 -27.44 -15.62
C ILE A 265 -4.36 -27.40 -16.90
N SER A 266 -4.37 -28.50 -17.66
CA SER A 266 -3.61 -28.59 -18.91
C SER A 266 -4.05 -27.50 -19.91
N GLY A 267 -3.09 -26.80 -20.51
CA GLY A 267 -3.40 -25.72 -21.46
C GLY A 267 -3.74 -24.35 -20.83
N ILE A 268 -3.77 -24.24 -19.50
CA ILE A 268 -4.22 -22.96 -18.90
C ILE A 268 -3.09 -21.94 -19.08
N ARG A 269 -3.40 -20.71 -19.51
CA ARG A 269 -2.40 -19.66 -19.60
C ARG A 269 -2.64 -18.51 -18.62
N ALA A 270 -3.87 -18.04 -18.54
CA ALA A 270 -4.21 -16.95 -17.63
C ALA A 270 -5.65 -17.09 -17.20
N TRP A 271 -5.98 -16.63 -15.98
CA TRP A 271 -7.36 -16.83 -15.53
C TRP A 271 -7.81 -15.78 -14.57
N VAL A 272 -9.12 -15.70 -14.44
CA VAL A 272 -9.72 -14.74 -13.54
C VAL A 272 -10.84 -15.37 -12.71
N PHE A 273 -10.95 -14.93 -11.44
CA PHE A 273 -12.13 -15.18 -10.59
C PHE A 273 -12.90 -13.87 -10.45
N PHE A 274 -14.22 -13.98 -10.49
CA PHE A 274 -15.11 -12.86 -10.14
C PHE A 274 -15.92 -13.23 -8.90
N VAL A 275 -15.59 -12.62 -7.77
CA VAL A 275 -16.21 -12.95 -6.48
C VAL A 275 -17.12 -11.79 -6.02
N GLU A 276 -18.43 -12.04 -5.95
CA GLU A 276 -19.42 -10.98 -5.64
C GLU A 276 -19.37 -10.63 -4.17
N GLU A 277 -19.19 -9.35 -3.90
CA GLU A 277 -19.38 -8.84 -2.53
C GLU A 277 -20.61 -7.90 -2.46
N ASP A 278 -20.83 -7.29 -1.31
CA ASP A 278 -22.00 -6.43 -1.11
C ASP A 278 -21.91 -5.16 -1.95
N ASP A 279 -20.71 -4.59 -2.06
CA ASP A 279 -20.60 -3.27 -2.71
C ASP A 279 -19.62 -3.22 -3.89
N GLN A 280 -19.17 -4.42 -4.30
CA GLN A 280 -18.28 -4.57 -5.43
C GLN A 280 -18.18 -6.04 -5.84
N ILE A 281 -17.73 -6.26 -7.07
CA ILE A 281 -17.30 -7.58 -7.50
C ILE A 281 -15.76 -7.57 -7.43
N ARG A 282 -15.17 -8.46 -6.63
CA ARG A 282 -13.71 -8.59 -6.61
C ARG A 282 -13.23 -9.37 -7.81
N VAL A 283 -12.19 -8.89 -8.43
CA VAL A 283 -11.55 -9.60 -9.53
C VAL A 283 -10.13 -10.01 -9.14
N ARG A 284 -9.81 -11.28 -9.32
CA ARG A 284 -8.48 -11.81 -9.07
C ARG A 284 -7.89 -12.42 -10.34
N PHE A 285 -6.79 -11.84 -10.80
CA PHE A 285 -6.13 -12.27 -12.00
C PHE A 285 -4.93 -13.14 -11.67
N ARG A 286 -4.76 -14.26 -12.37
CA ARG A 286 -3.56 -15.09 -12.22
C ARG A 286 -3.03 -15.54 -13.58
N SER A 287 -1.71 -15.68 -13.73
CA SER A 287 -1.16 -16.08 -15.04
C SER A 287 0.00 -17.08 -14.89
N LYS A 288 0.20 -17.90 -15.92
CA LYS A 288 1.39 -18.80 -16.08
C LYS A 288 2.55 -18.12 -16.84
N GLY A 289 2.24 -17.01 -17.51
CA GLY A 289 3.20 -16.34 -18.36
C GLY A 289 2.74 -14.95 -18.77
N PRO A 290 1.78 -14.88 -19.69
CA PRO A 290 1.31 -13.57 -20.15
C PRO A 290 1.08 -12.55 -19.02
N VAL A 291 1.65 -11.37 -19.16
CA VAL A 291 1.61 -10.33 -18.14
C VAL A 291 0.17 -9.79 -18.01
N ILE A 292 -0.34 -9.71 -16.78
CA ILE A 292 -1.76 -9.34 -16.56
C ILE A 292 -1.93 -8.15 -15.62
N ASN A 293 -0.85 -7.50 -15.23
CA ASN A 293 -1.06 -6.32 -14.41
C ASN A 293 -1.48 -5.10 -15.16
N GLY A 294 -1.13 -5.01 -16.45
CA GLY A 294 -1.77 -4.00 -17.35
C GLY A 294 -3.28 -4.18 -17.42
N LEU A 295 -3.74 -5.44 -17.65
CA LEU A 295 -5.18 -5.72 -17.69
C LEU A 295 -5.83 -5.28 -16.39
N ALA A 296 -5.20 -5.59 -15.26
CA ALA A 296 -5.77 -5.13 -13.96
C ALA A 296 -5.79 -3.58 -13.87
N ARG A 297 -4.67 -2.93 -14.23
CA ARG A 297 -4.67 -1.48 -14.41
C ARG A 297 -5.80 -0.98 -15.32
N LYS A 298 -5.95 -1.56 -16.51
CA LYS A 298 -7.01 -1.08 -17.41
C LYS A 298 -8.35 -0.96 -16.65
N TYR A 299 -8.60 -1.84 -15.67
CA TYR A 299 -9.85 -1.86 -14.89
C TYR A 299 -9.73 -1.29 -13.47
N ASN A 300 -8.80 -0.37 -13.32
CA ASN A 300 -8.54 0.45 -12.09
C ASN A 300 -7.97 -0.33 -10.93
N GLY A 301 -7.37 -1.49 -11.21
CA GLY A 301 -6.62 -2.23 -10.15
C GLY A 301 -5.11 -2.22 -10.43
N GLY A 302 -4.43 -3.32 -10.09
CA GLY A 302 -3.01 -3.48 -10.40
C GLY A 302 -2.44 -4.67 -9.64
N GLY A 303 -1.12 -4.75 -9.55
CA GLY A 303 -0.45 -5.81 -8.79
C GLY A 303 0.78 -6.30 -9.53
N HIS A 304 1.20 -7.50 -9.46
CA HIS A 304 2.33 -8.17 -10.08
C HIS A 304 2.04 -8.73 -11.45
N PRO A 305 3.04 -8.82 -12.21
CA PRO A 305 2.86 -9.27 -13.59
C PRO A 305 2.00 -10.54 -13.70
N LEU A 306 2.08 -11.40 -12.68
CA LEU A 306 1.41 -12.71 -12.72
C LEU A 306 0.30 -12.90 -11.70
N ALA A 307 -0.02 -11.84 -10.93
CA ALA A 307 -0.99 -11.92 -9.84
C ALA A 307 -1.45 -10.49 -9.58
N SER A 308 -2.68 -10.18 -10.01
CA SER A 308 -3.20 -8.84 -9.82
C SER A 308 -4.62 -8.88 -9.44
N GLY A 309 -5.16 -7.71 -9.07
CA GLY A 309 -6.58 -7.66 -8.75
C GLY A 309 -7.20 -6.33 -9.19
N ALA A 310 -8.52 -6.29 -9.15
CA ALA A 310 -9.30 -5.07 -9.40
C ALA A 310 -10.65 -5.26 -8.74
N SER A 311 -11.46 -4.20 -8.73
CA SER A 311 -12.82 -4.23 -8.23
C SER A 311 -13.71 -3.59 -9.26
N ILE A 312 -14.78 -4.26 -9.65
CA ILE A 312 -15.68 -3.74 -10.70
C ILE A 312 -17.09 -3.66 -10.13
N TYR A 313 -18.02 -3.06 -10.90
CA TYR A 313 -19.34 -2.74 -10.36
C TYR A 313 -20.54 -3.26 -11.16
N SER A 314 -20.27 -4.01 -12.22
CA SER A 314 -21.38 -4.66 -12.92
C SER A 314 -20.91 -5.95 -13.58
N TRP A 315 -21.85 -6.86 -13.84
CA TRP A 315 -21.56 -8.11 -14.56
C TRP A 315 -21.23 -7.83 -16.03
N ASP A 316 -21.59 -6.62 -16.49
CA ASP A 316 -21.33 -6.26 -17.88
C ASP A 316 -19.84 -6.00 -18.06
N GLU A 317 -19.24 -5.35 -17.07
CA GLU A 317 -17.81 -5.11 -17.04
C GLU A 317 -17.06 -6.44 -16.99
N ALA A 318 -17.56 -7.37 -16.18
CA ALA A 318 -16.91 -8.69 -16.12
C ALA A 318 -16.79 -9.30 -17.49
N ASP A 319 -17.84 -9.20 -18.31
CA ASP A 319 -17.76 -9.72 -19.65
C ASP A 319 -16.71 -8.98 -20.47
N ARG A 320 -16.58 -7.67 -20.25
CA ARG A 320 -15.50 -6.90 -20.94
C ARG A 320 -14.10 -7.41 -20.53
N ILE A 321 -13.91 -7.66 -19.23
CA ILE A 321 -12.67 -8.25 -18.76
C ILE A 321 -12.36 -9.54 -19.51
N LEU A 322 -13.32 -10.46 -19.51
CA LEU A 322 -13.18 -11.73 -20.20
C LEU A 322 -12.66 -11.51 -21.62
N ALA A 323 -13.44 -10.80 -22.43
CA ALA A 323 -13.04 -10.47 -23.79
C ALA A 323 -11.57 -10.04 -23.87
N ASP A 324 -11.15 -9.15 -22.96
CA ASP A 324 -9.78 -8.65 -22.98
C ASP A 324 -8.75 -9.74 -22.60
N LEU A 325 -9.19 -10.60 -21.69
CA LEU A 325 -8.38 -11.72 -21.29
C LEU A 325 -8.21 -12.69 -22.46
N GLU A 326 -9.23 -12.95 -23.25
CA GLU A 326 -9.11 -13.84 -24.39
C GLU A 326 -8.07 -13.29 -25.34
N THR A 327 -8.17 -12.01 -25.55
CA THR A 327 -7.26 -11.31 -26.48
C THR A 327 -5.82 -11.39 -26.04
N LEU A 328 -5.55 -11.00 -24.80
CA LEU A 328 -4.20 -11.01 -24.27
C LEU A 328 -3.59 -12.41 -24.36
N CYS A 329 -4.33 -13.42 -23.91
CA CYS A 329 -3.87 -14.80 -23.95
C CYS A 329 -3.58 -15.24 -25.38
N LYS A 330 -4.44 -14.80 -26.31
CA LYS A 330 -4.30 -15.18 -27.71
C LYS A 330 -3.08 -14.53 -28.36
N GLU A 331 -2.38 -13.69 -27.59
CA GLU A 331 -1.20 -13.01 -28.10
C GLU A 331 0.00 -13.27 -27.21
N SER B 17 -28.19 1.42 -3.89
CA SER B 17 -26.97 2.03 -4.32
C SER B 17 -26.19 2.48 -3.11
N MET B 18 -25.70 3.71 -3.17
CA MET B 18 -24.85 4.25 -2.11
C MET B 18 -25.33 5.61 -1.62
N ALA B 19 -25.50 6.56 -2.52
CA ALA B 19 -25.88 7.91 -2.11
C ALA B 19 -27.24 7.90 -1.42
N SER B 20 -27.87 6.73 -1.36
CA SER B 20 -29.17 6.59 -0.72
C SER B 20 -29.03 5.96 0.66
N MET B 21 -27.83 5.49 0.99
CA MET B 21 -27.57 4.89 2.29
C MET B 21 -27.60 5.92 3.41
N LYS B 22 -27.67 7.19 3.02
CA LYS B 22 -27.70 8.27 3.99
C LYS B 22 -28.93 8.14 4.88
N THR B 23 -30.05 7.79 4.25
CA THR B 23 -31.30 7.56 4.95
C THR B 23 -31.24 6.30 5.79
N GLU B 24 -30.43 5.32 5.37
CA GLU B 24 -30.36 4.07 6.17
C GLU B 24 -29.55 4.36 7.46
N LEU B 25 -28.51 5.16 7.31
CA LEU B 25 -27.68 5.56 8.44
C LEU B 25 -28.49 6.36 9.47
N ILE B 26 -29.24 7.35 8.99
CA ILE B 26 -30.07 8.18 9.88
C ILE B 26 -31.12 7.34 10.68
N ARG B 27 -31.84 6.51 9.94
CA ARG B 27 -32.83 5.63 10.56
C ARG B 27 -32.19 4.74 11.66
N THR B 28 -31.02 4.14 11.36
CA THR B 28 -30.39 3.19 12.32
C THR B 28 -30.00 4.00 13.56
N ILE B 29 -29.41 5.18 13.34
CA ILE B 29 -28.98 6.03 14.44
C ILE B 29 -30.17 6.33 15.37
N SER B 30 -31.34 6.63 14.82
CA SER B 30 -32.52 6.95 15.62
C SER B 30 -32.96 5.75 16.55
N LEU B 31 -32.70 4.50 16.15
CA LEU B 31 -33.09 3.31 16.92
C LEU B 31 -32.29 2.99 18.17
N TYR B 32 -31.06 3.47 18.31
CA TYR B 32 -30.19 2.99 19.36
C TYR B 32 -30.02 3.99 20.47
N ASP B 33 -30.10 3.53 21.72
CA ASP B 33 -29.95 4.37 22.87
C ASP B 33 -28.52 4.76 23.16
N THR B 34 -27.60 3.88 22.85
CA THR B 34 -26.18 4.16 23.04
C THR B 34 -25.43 4.13 21.72
N ILE B 35 -24.68 5.20 21.44
CA ILE B 35 -23.90 5.30 20.22
C ILE B 35 -22.46 5.69 20.56
N ILE B 36 -21.48 4.96 20.03
CA ILE B 36 -20.09 5.19 20.40
C ILE B 36 -19.35 5.38 19.07
N LEU B 37 -18.53 6.44 18.97
CA LEU B 37 -17.95 6.80 17.66
C LEU B 37 -16.41 6.69 17.76
N HIS B 38 -15.80 6.04 16.79
CA HIS B 38 -14.35 5.90 16.70
C HIS B 38 -13.86 6.60 15.46
N ARG B 39 -12.53 6.76 15.38
CA ARG B 39 -11.93 7.07 14.13
C ARG B 39 -10.54 6.46 14.10
N HIS B 40 -9.68 6.90 13.16
CA HIS B 40 -8.37 6.20 12.95
C HIS B 40 -7.31 6.56 14.04
N VAL B 41 -6.39 5.64 14.31
CA VAL B 41 -5.20 6.00 15.16
C VAL B 41 -4.42 7.15 14.62
N ARG B 42 -3.76 7.87 15.54
CA ARG B 42 -3.00 9.02 15.23
C ARG B 42 -3.85 9.98 14.37
N PRO B 43 -4.91 10.53 15.01
CA PRO B 43 -5.93 11.31 14.27
C PRO B 43 -5.38 12.59 13.66
N ASP B 44 -5.98 13.01 12.55
CA ASP B 44 -5.68 14.30 11.93
C ASP B 44 -6.95 15.14 12.01
N PRO B 45 -6.95 16.33 11.41
CA PRO B 45 -8.19 17.12 11.47
C PRO B 45 -9.44 16.42 10.93
N ASP B 46 -9.34 15.69 9.82
CA ASP B 46 -10.56 15.06 9.28
C ASP B 46 -11.14 14.03 10.26
N ALA B 47 -10.26 13.36 11.01
CA ALA B 47 -10.72 12.35 12.00
C ALA B 47 -11.57 12.98 13.09
N TYR B 48 -11.05 14.10 13.62
CA TYR B 48 -11.77 14.88 14.62
C TYR B 48 -13.02 15.50 14.02
N GLY B 49 -12.86 16.12 12.83
CA GLY B 49 -13.99 16.78 12.14
C GLY B 49 -15.17 15.81 11.99
N SER B 50 -14.89 14.59 11.58
CA SER B 50 -15.97 13.65 11.25
C SER B 50 -16.54 12.97 12.50
N GLN B 51 -15.68 12.33 13.30
CA GLN B 51 -16.15 11.63 14.53
C GLN B 51 -16.80 12.65 15.50
N CYS B 52 -16.08 13.73 15.84
CA CYS B 52 -16.60 14.74 16.80
C CYS B 52 -17.73 15.61 16.26
N GLY B 53 -17.64 15.97 14.99
CA GLY B 53 -18.70 16.73 14.33
C GLY B 53 -19.96 15.89 14.43
N LEU B 54 -19.87 14.61 14.04
CA LEU B 54 -21.05 13.75 14.11
C LEU B 54 -21.52 13.58 15.57
N THR B 55 -20.54 13.34 16.48
CA THR B 55 -20.87 13.17 17.87
C THR B 55 -21.71 14.40 18.35
N GLU B 56 -21.23 15.60 18.02
CA GLU B 56 -21.90 16.82 18.50
C GLU B 56 -23.29 17.04 17.84
N ILE B 57 -23.45 16.65 16.57
CA ILE B 57 -24.82 16.70 15.95
C ILE B 57 -25.73 15.77 16.75
N LEU B 58 -25.18 14.57 17.01
CA LEU B 58 -26.01 13.54 17.71
C LEU B 58 -26.41 13.98 19.13
N ARG B 59 -25.48 14.68 19.83
CA ARG B 59 -25.70 15.13 21.17
C ARG B 59 -26.71 16.24 21.17
N GLU B 60 -26.62 17.13 20.19
CA GLU B 60 -27.60 18.26 20.08
C GLU B 60 -28.98 17.73 19.72
N THR B 61 -29.01 16.77 18.82
CA THR B 61 -30.24 16.27 18.27
C THR B 61 -30.97 15.33 19.26
N TYR B 62 -30.21 14.50 19.98
CA TYR B 62 -30.75 13.46 20.84
C TYR B 62 -30.17 13.54 22.22
N PRO B 63 -30.58 14.56 23.01
CA PRO B 63 -29.95 14.65 24.32
C PRO B 63 -30.30 13.50 25.27
N GLU B 64 -31.30 12.69 24.93
CA GLU B 64 -31.65 11.53 25.73
C GLU B 64 -30.69 10.35 25.54
N LYS B 65 -30.07 10.28 24.36
CA LYS B 65 -29.17 9.19 24.04
C LYS B 65 -27.84 9.30 24.82
N ASN B 66 -27.16 8.19 24.96
CA ASN B 66 -25.85 8.18 25.54
C ASN B 66 -24.86 8.10 24.38
N ILE B 67 -24.14 9.17 24.16
CA ILE B 67 -23.31 9.30 22.97
C ILE B 67 -21.88 9.53 23.47
N PHE B 68 -20.94 8.78 22.89
CA PHE B 68 -19.54 8.87 23.27
C PHE B 68 -18.60 8.89 22.10
N ALA B 69 -17.49 9.66 22.24
CA ALA B 69 -16.44 9.66 21.23
C ALA B 69 -15.13 9.17 21.94
N VAL B 70 -14.57 8.08 21.42
CA VAL B 70 -13.47 7.40 22.11
C VAL B 70 -12.20 7.45 21.29
N GLY B 71 -11.08 6.96 21.88
CA GLY B 71 -9.83 7.02 21.16
C GLY B 71 -8.81 7.79 22.00
N THR B 72 -7.58 7.84 21.54
CA THR B 72 -6.55 8.60 22.24
C THR B 72 -6.44 9.95 21.57
N PRO B 73 -6.43 11.05 22.35
CA PRO B 73 -6.27 12.39 21.73
C PRO B 73 -5.00 12.60 20.97
N GLU B 74 -5.02 13.53 20.02
CA GLU B 74 -3.83 14.07 19.44
C GLU B 74 -3.56 15.42 20.16
N PRO B 75 -2.41 15.53 20.84
CA PRO B 75 -2.21 16.76 21.67
C PRO B 75 -2.43 18.07 20.83
N SER B 76 -2.00 18.06 19.59
CA SER B 76 -2.14 19.19 18.73
C SER B 76 -3.54 19.51 18.23
N LEU B 77 -4.49 18.65 18.54
CA LEU B 77 -5.88 18.83 18.04
C LEU B 77 -6.86 18.79 19.16
N SER B 78 -6.35 18.67 20.39
CA SER B 78 -7.29 18.39 21.53
C SER B 78 -8.10 19.64 21.87
N PHE B 79 -7.64 20.80 21.38
CA PHE B 79 -8.40 22.06 21.48
C PHE B 79 -9.77 21.91 20.83
N LEU B 80 -9.86 21.03 19.84
CA LEU B 80 -11.14 20.88 19.10
C LEU B 80 -12.25 20.25 19.92
N TYR B 81 -11.92 19.24 20.73
CA TYR B 81 -12.94 18.43 21.41
C TYR B 81 -12.32 17.48 22.43
N SER B 82 -13.01 17.25 23.54
CA SER B 82 -12.54 16.29 24.55
C SER B 82 -13.17 14.96 24.26
N LEU B 83 -12.42 13.89 24.50
CA LEU B 83 -12.90 12.51 24.30
C LEU B 83 -13.39 11.85 25.62
N ASP B 84 -14.08 10.73 25.50
CA ASP B 84 -14.75 10.04 26.59
C ASP B 84 -14.02 8.76 26.88
N GLU B 85 -13.98 8.40 28.18
CA GLU B 85 -13.48 7.05 28.58
C GLU B 85 -14.71 6.19 28.88
N VAL B 86 -14.76 5.00 28.30
CA VAL B 86 -15.98 4.18 28.35
C VAL B 86 -15.64 2.76 28.81
N ASP B 87 -16.47 2.17 29.67
CA ASP B 87 -16.31 0.76 30.17
C ASP B 87 -16.53 -0.18 29.03
N ASN B 88 -15.92 -1.37 29.09
CA ASN B 88 -16.22 -2.46 28.12
C ASN B 88 -17.72 -2.73 28.03
N GLU B 89 -18.33 -2.71 29.21
CA GLU B 89 -19.76 -3.09 29.34
C GLU B 89 -20.68 -2.09 28.65
N THR B 90 -20.25 -0.83 28.57
CA THR B 90 -21.09 0.20 27.85
C THR B 90 -21.35 -0.22 26.37
N TYR B 91 -20.45 -0.99 25.75
CA TYR B 91 -20.65 -1.45 24.35
C TYR B 91 -21.90 -2.34 24.13
N GLU B 92 -22.37 -3.03 25.16
CA GLU B 92 -23.43 -4.05 24.92
C GLU B 92 -24.71 -3.40 24.44
N GLY B 93 -25.21 -3.77 23.29
CA GLY B 93 -26.46 -3.13 22.84
C GLY B 93 -26.21 -1.83 22.06
N ALA B 94 -24.97 -1.36 22.04
CA ALA B 94 -24.73 -0.03 21.39
C ALA B 94 -24.58 -0.12 19.86
N LEU B 95 -24.82 1.01 19.20
CA LEU B 95 -24.46 1.21 17.84
C LEU B 95 -23.05 1.85 17.86
N VAL B 96 -22.17 1.27 17.06
CA VAL B 96 -20.79 1.76 16.99
C VAL B 96 -20.63 2.38 15.59
N ILE B 97 -20.14 3.61 15.52
CA ILE B 97 -19.87 4.27 14.24
C ILE B 97 -18.40 4.65 14.09
N VAL B 98 -17.74 4.08 13.08
CA VAL B 98 -16.37 4.36 12.79
C VAL B 98 -16.24 5.35 11.58
N CYS B 99 -15.60 6.46 11.83
CA CYS B 99 -15.41 7.46 10.74
C CYS B 99 -13.97 7.46 10.29
N ASP B 100 -13.79 7.66 8.97
CA ASP B 100 -12.52 8.02 8.39
C ASP B 100 -11.46 6.96 8.64
N THR B 101 -11.84 5.69 8.60
CA THR B 101 -10.87 4.63 8.84
C THR B 101 -10.96 3.59 7.75
N ALA B 102 -9.99 3.59 6.83
CA ALA B 102 -10.09 2.66 5.72
C ALA B 102 -9.95 1.19 6.18
N ASN B 103 -9.04 0.86 7.10
CA ASN B 103 -8.92 -0.55 7.54
C ASN B 103 -9.10 -0.73 9.00
N GLN B 104 -9.80 -1.80 9.34
CA GLN B 104 -10.10 -2.18 10.71
C GLN B 104 -8.98 -2.02 11.70
N GLU B 105 -7.78 -2.33 11.27
CA GLU B 105 -6.65 -2.43 12.16
C GLU B 105 -6.15 -1.08 12.58
N ARG B 106 -6.55 -0.08 11.84
CA ARG B 106 -6.18 1.30 12.15
C ARG B 106 -7.27 1.98 13.01
N ILE B 107 -8.33 1.25 13.37
CA ILE B 107 -9.34 1.88 14.21
C ILE B 107 -8.78 2.10 15.60
N ASP B 108 -8.83 3.34 16.06
CA ASP B 108 -8.40 3.66 17.42
C ASP B 108 -9.47 3.21 18.41
N ASP B 109 -9.05 2.36 19.34
CA ASP B 109 -9.89 1.60 20.26
C ASP B 109 -10.52 0.39 19.57
N GLN B 110 -9.92 -0.78 19.82
CA GLN B 110 -10.32 -2.02 19.16
C GLN B 110 -11.61 -2.69 19.70
N ARG B 111 -12.34 -2.02 20.59
CA ARG B 111 -13.63 -2.52 21.00
C ARG B 111 -14.75 -2.26 19.99
N TYR B 112 -14.44 -1.62 18.88
CA TYR B 112 -15.46 -1.26 17.89
C TYR B 112 -16.44 -2.40 17.50
N PRO B 113 -15.99 -3.68 17.42
CA PRO B 113 -17.01 -4.64 16.96
C PRO B 113 -17.81 -5.31 18.14
N SER B 114 -17.61 -4.88 19.38
CA SER B 114 -18.34 -5.48 20.53
C SER B 114 -19.73 -4.91 20.80
N GLY B 115 -20.20 -3.94 19.98
CA GLY B 115 -21.56 -3.41 20.15
C GLY B 115 -22.57 -4.33 19.45
N ALA B 116 -23.84 -3.92 19.44
CA ALA B 116 -24.94 -4.58 18.69
C ALA B 116 -24.84 -4.42 17.17
N LYS B 117 -24.39 -3.24 16.72
CA LYS B 117 -24.32 -2.96 15.29
C LYS B 117 -23.07 -2.14 15.00
N LEU B 118 -22.59 -2.23 13.77
CA LEU B 118 -21.39 -1.51 13.40
C LEU B 118 -21.60 -0.75 12.11
N MET B 119 -21.27 0.55 12.08
CA MET B 119 -21.54 1.38 10.86
C MET B 119 -20.20 1.99 10.44
N LYS B 120 -19.93 1.94 9.12
CA LYS B 120 -18.66 2.51 8.56
C LYS B 120 -18.94 3.74 7.68
N ILE B 121 -18.23 4.87 7.91
CA ILE B 121 -18.46 6.09 7.12
C ILE B 121 -17.06 6.52 6.71
N ASP B 122 -16.77 6.49 5.41
CA ASP B 122 -15.39 6.79 4.97
C ASP B 122 -15.38 7.34 3.57
N ALA B 123 -14.31 8.08 3.24
CA ALA B 123 -14.11 8.69 1.93
C ALA B 123 -12.90 8.07 1.18
N HIS B 124 -12.40 6.94 1.67
CA HIS B 124 -11.23 6.28 1.05
C HIS B 124 -11.77 5.03 0.36
N PRO B 125 -11.03 4.50 -0.63
CA PRO B 125 -11.47 3.30 -1.34
C PRO B 125 -11.86 2.14 -0.37
N ASN B 126 -12.97 1.48 -0.68
CA ASN B 126 -13.55 0.47 0.20
C ASN B 126 -12.87 -0.91 0.04
N GLU B 127 -11.51 -0.95 0.13
CA GLU B 127 -10.58 -2.14 -0.01
C GLU B 127 -10.89 -3.09 1.15
N ASP B 128 -11.19 -2.51 2.31
CA ASP B 128 -11.58 -3.27 3.54
C ASP B 128 -13.05 -3.08 3.99
N PRO B 129 -13.88 -3.99 3.47
CA PRO B 129 -15.32 -4.00 3.69
C PRO B 129 -15.68 -4.51 5.08
N TYR B 130 -16.08 -3.58 5.93
CA TYR B 130 -16.48 -3.85 7.29
C TYR B 130 -17.66 -2.96 7.67
N GLY B 131 -18.51 -3.50 8.55
CA GLY B 131 -19.70 -2.82 8.99
C GLY B 131 -20.96 -3.57 8.63
N ASP B 132 -21.98 -3.41 9.47
CA ASP B 132 -23.30 -3.93 9.20
C ASP B 132 -23.92 -3.01 8.14
N LEU B 133 -23.74 -1.72 8.33
CA LEU B 133 -24.05 -0.70 7.33
C LEU B 133 -22.76 -0.06 6.84
N LEU B 134 -22.73 0.36 5.58
CA LEU B 134 -21.55 1.00 5.01
C LEU B 134 -21.84 2.30 4.38
N TRP B 135 -20.90 3.22 4.48
CA TRP B 135 -21.12 4.39 3.64
C TRP B 135 -19.82 4.89 3.15
N VAL B 136 -19.58 4.81 1.85
CA VAL B 136 -18.24 5.19 1.41
C VAL B 136 -18.33 5.98 0.11
N ASP B 137 -17.92 7.24 0.16
CA ASP B 137 -18.04 8.12 -1.01
C ASP B 137 -16.64 8.66 -1.33
N THR B 138 -15.99 8.03 -2.30
CA THR B 138 -14.63 8.45 -2.67
C THR B 138 -14.55 9.76 -3.46
N SER B 139 -15.68 10.25 -3.94
CA SER B 139 -15.73 11.62 -4.53
C SER B 139 -15.77 12.75 -3.50
N ALA B 140 -16.00 12.41 -2.22
CA ALA B 140 -16.07 13.48 -1.21
C ALA B 140 -14.67 14.01 -0.93
N SER B 141 -14.52 15.29 -0.53
CA SER B 141 -13.19 15.77 -0.19
C SER B 141 -12.60 15.04 1.07
N SER B 142 -13.48 14.67 2.00
CA SER B 142 -13.07 14.36 3.34
C SER B 142 -14.26 13.71 3.95
N VAL B 143 -14.05 12.94 5.01
CA VAL B 143 -15.18 12.42 5.77
C VAL B 143 -15.95 13.56 6.44
N SER B 144 -15.30 14.66 6.81
CA SER B 144 -16.02 15.78 7.44
C SER B 144 -17.10 16.32 6.48
N GLU B 145 -16.74 16.42 5.20
CA GLU B 145 -17.69 16.82 4.19
C GLU B 145 -18.88 15.84 4.12
N MET B 146 -18.59 14.54 4.18
CA MET B 146 -19.66 13.51 4.21
C MET B 146 -20.59 13.68 5.41
N ILE B 147 -20.04 14.08 6.54
CA ILE B 147 -20.89 14.30 7.70
C ILE B 147 -21.79 15.52 7.45
N TYR B 148 -21.25 16.59 6.81
CA TYR B 148 -22.16 17.69 6.55
C TYR B 148 -23.30 17.24 5.59
N GLU B 149 -22.93 16.51 4.55
CA GLU B 149 -23.91 15.95 3.62
C GLU B 149 -24.96 15.15 4.39
N LEU B 150 -24.50 14.23 5.22
CA LEU B 150 -25.40 13.41 6.05
C LEU B 150 -26.33 14.27 6.92
N TYR B 151 -25.78 15.36 7.45
CA TYR B 151 -26.60 16.32 8.18
C TYR B 151 -27.69 16.87 7.26
N LEU B 152 -27.29 17.35 6.08
CA LEU B 152 -28.24 17.96 5.12
C LEU B 152 -29.42 17.01 4.86
N GLU B 153 -29.23 15.69 4.82
CA GLU B 153 -30.38 14.80 4.70
C GLU B 153 -31.02 14.57 6.06
N GLY B 154 -30.23 14.63 7.12
CA GLY B 154 -30.73 14.47 8.46
C GLY B 154 -31.68 15.58 8.91
N LYS B 155 -31.42 16.79 8.44
CA LYS B 155 -32.23 17.95 8.82
C LYS B 155 -33.72 17.65 8.69
N GLU B 156 -34.11 17.04 7.57
CA GLU B 156 -35.51 16.72 7.32
C GLU B 156 -36.05 15.72 8.33
N HIS B 157 -35.15 14.99 8.97
CA HIS B 157 -35.55 13.99 9.97
C HIS B 157 -35.27 14.46 11.39
N GLY B 158 -35.19 15.76 11.62
CA GLY B 158 -34.98 16.21 13.00
C GLY B 158 -33.57 16.65 13.42
N TRP B 159 -32.53 16.37 12.59
CA TRP B 159 -31.16 16.65 13.04
C TRP B 159 -30.89 18.15 13.16
N LYS B 160 -30.04 18.51 14.09
CA LYS B 160 -29.75 19.88 14.41
C LYS B 160 -28.23 20.10 14.43
N LEU B 161 -27.78 21.13 13.73
CA LEU B 161 -26.38 21.47 13.71
C LEU B 161 -26.18 22.68 14.59
N ASN B 162 -25.33 22.59 15.61
CA ASN B 162 -24.98 23.78 16.42
C ASN B 162 -23.61 24.40 16.04
N THR B 163 -23.27 25.46 16.72
CA THR B 163 -21.97 26.14 16.43
C THR B 163 -20.68 25.28 16.57
N LYS B 164 -20.58 24.56 17.66
CA LYS B 164 -19.50 23.64 17.90
C LYS B 164 -19.41 22.58 16.82
N ALA B 165 -20.52 21.91 16.51
CA ALA B 165 -20.51 20.92 15.39
C ALA B 165 -20.06 21.58 14.10
N ALA B 166 -20.55 22.78 13.79
CA ALA B 166 -20.12 23.41 12.51
C ALA B 166 -18.62 23.69 12.49
N GLU B 167 -18.12 24.28 13.59
CA GLU B 167 -16.68 24.55 13.71
C GLU B 167 -15.90 23.23 13.50
N LEU B 168 -16.38 22.12 14.08
CA LEU B 168 -15.63 20.86 13.93
C LEU B 168 -15.57 20.41 12.52
N ILE B 169 -16.71 20.52 11.85
CA ILE B 169 -16.79 20.05 10.42
C ILE B 169 -15.90 20.93 9.54
N TYR B 170 -16.01 22.22 9.76
CA TYR B 170 -15.14 23.16 9.03
C TYR B 170 -13.66 22.88 9.26
N ALA B 171 -13.27 22.62 10.53
CA ALA B 171 -11.87 22.29 10.84
C ALA B 171 -11.43 21.05 10.03
N GLY B 172 -12.28 20.04 10.01
CA GLY B 172 -11.90 18.81 9.29
C GLY B 172 -11.71 19.07 7.80
N ILE B 173 -12.60 19.87 7.23
CA ILE B 173 -12.59 20.21 5.79
C ILE B 173 -11.32 21.03 5.47
N VAL B 174 -11.07 22.04 6.28
CA VAL B 174 -9.89 22.89 6.09
C VAL B 174 -8.60 22.10 6.28
N GLY B 175 -8.57 21.26 7.32
CA GLY B 175 -7.39 20.38 7.52
C GLY B 175 -7.15 19.49 6.35
N ASP B 176 -8.18 18.76 5.96
CA ASP B 176 -8.08 17.75 4.90
C ASP B 176 -7.68 18.30 3.54
N THR B 177 -8.13 19.51 3.21
CA THR B 177 -7.88 20.06 1.87
C THR B 177 -6.72 21.04 1.82
N GLY B 178 -5.97 21.17 2.91
CA GLY B 178 -4.91 22.20 3.03
C GLY B 178 -5.52 23.56 2.84
N ARG B 179 -6.70 23.77 3.43
CA ARG B 179 -7.43 25.02 3.27
C ARG B 179 -7.74 25.33 1.79
N PHE B 180 -8.47 24.40 1.21
CA PHE B 180 -8.91 24.50 -0.18
C PHE B 180 -7.78 24.59 -1.21
N LEU B 181 -6.60 24.06 -0.88
CA LEU B 181 -5.49 24.03 -1.83
C LEU B 181 -5.48 22.75 -2.65
N PHE B 182 -5.76 21.60 -2.00
CA PHE B 182 -5.53 20.30 -2.57
C PHE B 182 -6.61 19.88 -3.53
N PRO B 183 -6.28 18.94 -4.43
CA PRO B 183 -7.22 18.67 -5.51
C PRO B 183 -8.44 17.80 -5.00
N ASN B 184 -8.49 17.41 -3.71
CA ASN B 184 -9.70 16.82 -3.19
C ASN B 184 -10.74 17.87 -2.98
N THR B 185 -10.35 19.16 -3.09
CA THR B 185 -11.31 20.27 -3.03
C THR B 185 -12.23 20.31 -4.22
N THR B 186 -13.55 20.41 -4.01
CA THR B 186 -14.51 20.49 -5.10
C THR B 186 -15.45 21.65 -4.90
N GLU B 187 -16.30 21.91 -5.91
CA GLU B 187 -17.29 22.96 -5.78
C GLU B 187 -18.25 22.74 -4.59
N LYS B 188 -18.54 21.47 -4.24
CA LYS B 188 -19.34 21.21 -3.08
C LYS B 188 -18.56 21.62 -1.81
N THR B 189 -17.25 21.35 -1.83
CA THR B 189 -16.47 21.54 -0.64
C THR B 189 -16.52 23.03 -0.25
N LEU B 190 -16.34 23.91 -1.26
CA LEU B 190 -16.34 25.36 -1.04
C LEU B 190 -17.75 25.83 -0.68
N LYS B 191 -18.74 25.27 -1.37
CA LYS B 191 -20.13 25.62 -1.13
C LYS B 191 -20.52 25.30 0.31
N TYR B 192 -20.09 24.14 0.79
CA TYR B 192 -20.38 23.72 2.21
C TYR B 192 -19.65 24.58 3.21
N ALA B 193 -18.38 24.90 2.89
CA ALA B 193 -17.57 25.74 3.77
C ALA B 193 -18.29 27.10 3.97
N GLY B 194 -18.83 27.62 2.86
CA GLY B 194 -19.52 28.92 3.01
C GLY B 194 -20.78 28.83 3.83
N GLU B 195 -21.49 27.69 3.71
CA GLU B 195 -22.58 27.39 4.68
C GLU B 195 -22.13 27.28 6.16
N LEU B 196 -21.03 26.55 6.42
CA LEU B 196 -20.52 26.37 7.79
C LEU B 196 -20.04 27.66 8.49
N ILE B 197 -19.38 28.50 7.72
CA ILE B 197 -18.77 29.77 8.24
C ILE B 197 -19.80 30.79 8.73
N GLN B 198 -21.05 30.61 8.30
CA GLN B 198 -22.21 31.37 8.82
C GLN B 198 -22.43 31.11 10.29
N TYR B 199 -21.91 29.98 10.82
CA TYR B 199 -22.05 29.78 12.27
C TYR B 199 -21.11 30.68 13.05
N PRO B 200 -21.52 31.07 14.28
CA PRO B 200 -20.70 32.10 14.91
C PRO B 200 -19.54 31.46 15.65
N PHE B 201 -18.69 30.66 14.96
CA PHE B 201 -17.41 30.32 15.61
C PHE B 201 -16.34 31.24 14.99
N SER B 202 -15.22 31.44 15.66
CA SER B 202 -14.14 32.26 15.12
C SER B 202 -13.27 31.43 14.17
N SER B 203 -13.37 31.66 12.88
CA SER B 203 -12.47 30.95 11.99
C SER B 203 -11.00 31.37 12.23
N SER B 204 -10.78 32.63 12.60
CA SER B 204 -9.44 33.14 12.90
C SER B 204 -8.74 32.39 14.03
N GLU B 205 -9.42 32.23 15.16
CA GLU B 205 -8.90 31.49 16.26
C GLU B 205 -8.70 30.02 15.89
N LEU B 206 -9.62 29.47 15.10
CA LEU B 206 -9.52 28.09 14.64
C LEU B 206 -8.18 27.94 13.86
N PHE B 207 -7.98 28.82 12.88
CA PHE B 207 -6.76 28.79 12.11
C PHE B 207 -5.54 28.96 13.02
N ASN B 208 -5.57 29.92 13.96
CA ASN B 208 -4.38 30.16 14.82
C ASN B 208 -3.98 28.88 15.52
N GLN B 209 -4.99 28.13 15.97
CA GLN B 209 -4.72 26.89 16.68
C GLN B 209 -4.30 25.74 15.78
N LEU B 210 -4.91 25.58 14.61
CA LEU B 210 -4.48 24.50 13.71
C LEU B 210 -3.03 24.70 13.27
N TYR B 211 -2.67 25.96 13.04
CA TYR B 211 -1.34 26.24 12.43
C TYR B 211 -0.19 26.65 13.36
N GLU B 212 -0.53 26.85 14.62
CA GLU B 212 0.47 27.18 15.61
C GLU B 212 1.69 26.24 15.50
N THR B 213 2.90 26.82 15.48
CA THR B 213 4.11 26.13 15.22
C THR B 213 5.19 26.57 16.25
N LYS B 214 5.84 25.62 16.88
CA LYS B 214 6.87 25.93 17.87
C LYS B 214 8.00 26.78 17.29
N LEU B 215 8.41 27.79 18.02
CA LEU B 215 9.47 28.63 17.57
C LEU B 215 10.73 27.86 17.16
N ASN B 216 11.09 26.79 17.84
CA ASN B 216 12.27 26.06 17.38
C ASN B 216 12.11 25.41 16.00
N VAL B 217 10.91 24.93 15.67
CA VAL B 217 10.64 24.40 14.34
C VAL B 217 10.76 25.50 13.28
N VAL B 218 10.24 26.68 13.61
CA VAL B 218 10.26 27.83 12.72
C VAL B 218 11.70 28.25 12.43
N LYS B 219 12.53 28.20 13.45
CA LYS B 219 13.94 28.51 13.33
C LYS B 219 14.63 27.47 12.46
N LEU B 220 14.31 26.19 12.69
CA LEU B 220 14.89 25.12 11.83
C LEU B 220 14.43 25.30 10.38
N ASN B 221 13.15 25.61 10.20
CA ASN B 221 12.69 25.90 8.86
C ASN B 221 13.47 27.06 8.22
N GLY B 222 13.84 28.04 9.05
CA GLY B 222 14.66 29.15 8.60
C GLY B 222 15.98 28.63 8.06
N PHE B 223 16.68 27.87 8.89
CA PHE B 223 17.93 27.23 8.48
C PHE B 223 17.75 26.52 7.08
N ILE B 224 16.65 25.80 6.94
CA ILE B 224 16.40 25.04 5.69
C ILE B 224 16.29 25.99 4.51
N PHE B 225 15.50 27.05 4.68
CA PHE B 225 15.34 28.03 3.61
C PHE B 225 16.63 28.76 3.29
N GLN B 226 17.41 29.07 4.30
CA GLN B 226 18.68 29.78 4.06
C GLN B 226 19.71 28.84 3.40
N ASN B 227 19.63 27.56 3.74
CA ASN B 227 20.64 26.59 3.32
C ASN B 227 20.22 25.62 2.22
N VAL B 228 19.31 26.03 1.35
CA VAL B 228 18.91 25.17 0.23
C VAL B 228 19.77 25.42 -1.02
N SER B 229 20.31 24.35 -1.58
CA SER B 229 21.12 24.44 -2.80
C SER B 229 20.30 24.05 -4.03
N LEU B 230 20.12 25.00 -4.94
CA LEU B 230 19.35 24.77 -6.14
C LEU B 230 20.21 24.87 -7.40
N SER B 231 20.26 23.84 -8.22
CA SER B 231 21.10 23.88 -9.42
C SER B 231 20.36 24.47 -10.62
N GLU B 232 21.06 24.64 -11.73
CA GLU B 232 20.50 25.15 -12.97
C GLU B 232 19.51 24.21 -13.57
N ASN B 233 19.56 22.98 -13.15
CA ASN B 233 18.56 21.96 -13.58
C ASN B 233 17.37 21.73 -12.62
N GLY B 234 17.33 22.50 -11.54
CA GLY B 234 16.16 22.56 -10.71
C GLY B 234 16.21 21.46 -9.66
N ALA B 235 17.37 20.87 -9.48
CA ALA B 235 17.57 19.92 -8.41
C ALA B 235 18.00 20.65 -7.17
N ALA B 236 17.38 20.27 -6.05
CA ALA B 236 17.62 20.90 -4.77
C ALA B 236 17.81 19.89 -3.65
N SER B 237 18.66 20.27 -2.69
CA SER B 237 18.97 19.50 -1.53
C SER B 237 19.17 20.31 -0.24
N VAL B 238 18.94 19.68 0.88
CA VAL B 238 19.21 20.25 2.21
C VAL B 238 19.75 19.14 3.04
N PHE B 239 20.85 19.42 3.75
CA PHE B 239 21.44 18.49 4.71
C PHE B 239 21.18 19.02 6.10
N ILE B 240 20.61 18.14 6.92
CA ILE B 240 20.29 18.49 8.27
C ILE B 240 20.98 17.51 9.14
N LYS B 241 22.17 17.91 9.60
CA LYS B 241 22.97 16.99 10.41
C LYS B 241 22.65 17.12 11.90
N LYS B 242 23.23 16.21 12.66
CA LYS B 242 22.99 16.13 14.10
C LYS B 242 23.24 17.44 14.84
N ASP B 243 24.26 18.19 14.43
CA ASP B 243 24.61 19.41 15.19
C ASP B 243 23.59 20.52 14.96
N THR B 244 22.97 20.50 13.79
CA THR B 244 21.88 21.40 13.48
C THR B 244 20.65 21.07 14.29
N LEU B 245 20.32 19.76 14.41
CA LEU B 245 19.20 19.35 15.19
C LEU B 245 19.43 19.79 16.63
N GLU B 246 20.65 19.60 17.11
CA GLU B 246 20.90 20.01 18.50
C GLU B 246 20.87 21.53 18.69
N LYS B 247 21.42 22.30 17.75
CA LYS B 247 21.38 23.77 17.83
C LYS B 247 19.94 24.26 18.03
N PHE B 248 19.00 23.81 17.18
CA PHE B 248 17.61 24.26 17.28
C PHE B 248 16.78 23.50 18.26
N GLY B 249 17.33 22.42 18.84
CA GLY B 249 16.60 21.49 19.69
C GLY B 249 15.37 20.81 19.05
N THR B 250 15.49 20.48 17.76
CA THR B 250 14.39 19.81 17.04
C THR B 250 14.72 18.35 16.87
N THR B 251 13.68 17.52 16.80
CA THR B 251 13.92 16.12 16.52
C THR B 251 14.14 15.93 15.04
N ALA B 252 14.72 14.78 14.69
CA ALA B 252 14.92 14.35 13.31
C ALA B 252 13.61 14.34 12.56
N SER B 253 12.61 13.78 13.19
CA SER B 253 11.27 13.72 12.65
C SER B 253 10.70 15.13 12.35
N GLU B 254 10.86 16.08 13.28
CA GLU B 254 10.49 17.47 12.92
C GLU B 254 11.16 18.01 11.66
N ALA B 255 12.44 17.69 11.47
CA ALA B 255 13.15 18.13 10.30
C ALA B 255 12.58 17.47 9.02
N SER B 256 12.38 16.16 9.04
CA SER B 256 11.82 15.41 7.90
C SER B 256 10.44 15.90 7.45
N GLN B 257 9.62 16.32 8.40
CA GLN B 257 8.30 16.88 8.19
C GLN B 257 8.33 18.20 7.38
N LEU B 258 9.47 18.86 7.28
CA LEU B 258 9.59 20.15 6.58
C LEU B 258 9.97 20.00 5.11
N VAL B 259 10.09 18.74 4.64
CA VAL B 259 10.55 18.46 3.27
C VAL B 259 9.64 19.12 2.23
N GLY B 260 8.34 19.21 2.52
CA GLY B 260 7.40 19.81 1.56
C GLY B 260 7.50 21.35 1.45
N THR B 261 8.22 21.98 2.39
CA THR B 261 8.25 23.47 2.41
C THR B 261 9.04 24.15 1.32
N LEU B 262 9.75 23.38 0.51
CA LEU B 262 10.47 23.92 -0.60
C LEU B 262 9.69 24.00 -1.93
N GLY B 263 8.45 23.53 -1.96
CA GLY B 263 7.70 23.38 -3.19
C GLY B 263 7.49 24.62 -4.03
N ASN B 264 7.42 25.78 -3.38
CA ASN B 264 7.16 27.04 -4.06
C ASN B 264 8.38 27.74 -4.65
N ILE B 265 9.57 27.28 -4.31
CA ILE B 265 10.78 27.92 -4.84
C ILE B 265 10.76 28.00 -6.37
N SER B 266 11.01 29.20 -6.91
CA SER B 266 11.03 29.42 -8.36
C SER B 266 12.04 28.54 -9.06
N GLY B 267 11.58 27.77 -10.05
CA GLY B 267 12.44 26.89 -10.85
C GLY B 267 12.77 25.53 -10.22
N ILE B 268 12.12 25.18 -9.10
CA ILE B 268 12.48 23.92 -8.43
C ILE B 268 11.76 22.77 -9.18
N ARG B 269 12.43 21.62 -9.28
CA ARG B 269 11.88 20.48 -10.04
C ARG B 269 11.79 19.27 -9.13
N ALA B 270 12.90 18.96 -8.45
CA ALA B 270 12.87 17.90 -7.48
C ALA B 270 13.93 18.12 -6.44
N TRP B 271 13.67 17.57 -5.26
CA TRP B 271 14.56 17.83 -4.17
C TRP B 271 14.68 16.69 -3.18
N VAL B 272 15.71 16.78 -2.35
CA VAL B 272 16.01 15.76 -1.34
C VAL B 272 16.43 16.38 0.00
N PHE B 273 15.94 15.82 1.12
CA PHE B 273 16.44 16.11 2.43
C PHE B 273 17.23 14.91 2.90
N PHE B 274 18.40 15.19 3.48
CA PHE B 274 19.11 14.20 4.27
C PHE B 274 19.10 14.62 5.71
N VAL B 275 18.57 13.77 6.60
CA VAL B 275 18.45 14.13 8.03
C VAL B 275 19.17 13.02 8.78
N GLU B 276 20.20 13.40 9.53
CA GLU B 276 21.05 12.43 10.23
C GLU B 276 20.40 11.96 11.52
N GLU B 277 20.20 10.65 11.61
CA GLU B 277 19.58 10.07 12.81
C GLU B 277 20.59 9.20 13.57
N ASP B 278 20.18 8.58 14.68
CA ASP B 278 21.12 7.74 15.44
C ASP B 278 21.64 6.58 14.65
N ASP B 279 20.79 5.94 13.83
CA ASP B 279 21.10 4.64 13.24
C ASP B 279 21.18 4.73 11.75
N GLN B 280 20.89 5.90 11.19
CA GLN B 280 20.81 6.03 9.77
C GLN B 280 20.73 7.50 9.35
N ILE B 281 20.93 7.74 8.05
CA ILE B 281 20.59 9.01 7.46
C ILE B 281 19.24 8.79 6.74
N ARG B 282 18.24 9.57 7.14
CA ARG B 282 16.91 9.44 6.53
C ARG B 282 16.89 10.31 5.31
N VAL B 283 16.43 9.76 4.18
CA VAL B 283 16.41 10.45 2.92
C VAL B 283 14.92 10.65 2.51
N ARG B 284 14.54 11.86 2.20
CA ARG B 284 13.18 12.02 1.62
C ARG B 284 13.30 12.76 0.34
N PHE B 285 12.63 12.22 -0.70
CA PHE B 285 12.59 12.74 -2.07
C PHE B 285 11.24 13.37 -2.41
N ARG B 286 11.25 14.58 -2.97
CA ARG B 286 9.97 15.15 -3.46
C ARG B 286 10.15 15.66 -4.85
N SER B 287 9.04 15.79 -5.57
CA SER B 287 9.16 16.28 -6.95
C SER B 287 7.91 17.05 -7.39
N LYS B 288 8.10 17.98 -8.31
CA LYS B 288 6.95 18.68 -8.91
C LYS B 288 6.83 18.28 -10.37
N GLY B 289 7.62 17.31 -10.80
CA GLY B 289 7.58 16.89 -12.20
C GLY B 289 8.18 15.52 -12.44
N PRO B 290 9.51 15.47 -12.47
CA PRO B 290 10.22 14.21 -12.77
C PRO B 290 10.03 13.13 -11.70
N VAL B 291 9.76 11.89 -12.15
CA VAL B 291 9.38 10.78 -11.30
C VAL B 291 10.62 10.45 -10.46
N ILE B 292 10.49 10.30 -9.13
CA ILE B 292 11.68 10.05 -8.28
C ILE B 292 11.63 8.72 -7.50
N ASN B 293 10.61 7.88 -7.75
CA ASN B 293 10.56 6.64 -7.08
C ASN B 293 11.61 5.62 -7.56
N GLY B 294 12.07 5.80 -8.80
CA GLY B 294 13.12 4.93 -9.37
C GLY B 294 14.42 5.25 -8.65
N LEU B 295 14.67 6.56 -8.47
CA LEU B 295 15.84 6.99 -7.74
C LEU B 295 15.80 6.45 -6.26
N ALA B 296 14.65 6.56 -5.59
CA ALA B 296 14.54 5.99 -4.27
C ALA B 296 14.79 4.50 -4.29
N ARG B 297 14.21 3.78 -5.25
CA ARG B 297 14.42 2.30 -5.33
C ARG B 297 15.84 1.93 -5.59
N LYS B 298 16.55 2.75 -6.33
CA LYS B 298 17.94 2.48 -6.55
C LYS B 298 18.73 2.51 -5.27
N TYR B 299 18.33 3.36 -4.31
CA TYR B 299 18.95 3.37 -3.01
C TYR B 299 18.22 2.51 -1.97
N ASN B 300 17.51 1.47 -2.41
CA ASN B 300 16.91 0.50 -1.48
C ASN B 300 15.58 0.89 -0.82
N GLY B 301 15.07 2.08 -1.16
CA GLY B 301 13.80 2.62 -0.63
C GLY B 301 12.75 2.59 -1.75
N GLY B 302 11.89 3.61 -1.81
CA GLY B 302 10.84 3.63 -2.82
C GLY B 302 9.70 4.47 -2.33
N GLY B 303 8.50 4.23 -2.90
CA GLY B 303 7.35 5.05 -2.55
C GLY B 303 6.62 5.60 -3.81
N HIS B 304 6.00 6.74 -3.67
CA HIS B 304 5.24 7.37 -4.76
C HIS B 304 6.08 8.16 -5.76
N PRO B 305 5.51 8.37 -6.97
CA PRO B 305 6.30 9.00 -8.03
C PRO B 305 6.82 10.39 -7.63
N LEU B 306 6.07 11.15 -6.85
CA LEU B 306 6.57 12.48 -6.47
C LEU B 306 6.89 12.59 -5.00
N ALA B 307 6.76 11.51 -4.24
CA ALA B 307 7.20 11.55 -2.82
C ALA B 307 7.68 10.14 -2.47
N SER B 308 8.99 9.98 -2.30
CA SER B 308 9.52 8.70 -1.82
C SER B 308 10.57 8.90 -0.72
N GLY B 309 11.15 7.78 -0.27
CA GLY B 309 12.11 7.82 0.84
C GLY B 309 13.13 6.70 0.70
N ALA B 310 14.20 6.83 1.48
CA ALA B 310 15.21 5.74 1.64
C ALA B 310 15.97 5.99 2.94
N SER B 311 16.72 4.97 3.39
CA SER B 311 17.60 5.13 4.55
C SER B 311 19.03 4.80 4.05
N ILE B 312 20.00 5.64 4.32
CA ILE B 312 21.39 5.39 3.89
C ILE B 312 22.36 5.51 5.09
N TYR B 313 23.66 5.31 4.88
CA TYR B 313 24.54 5.04 6.01
C TYR B 313 25.85 5.83 6.00
N SER B 314 26.11 6.63 4.97
CA SER B 314 27.28 7.50 4.94
C SER B 314 26.91 8.73 4.17
N TRP B 315 27.72 9.77 4.37
CA TRP B 315 27.60 11.02 3.59
C TRP B 315 28.13 10.85 2.17
N ASP B 316 29.12 10.02 1.96
CA ASP B 316 29.51 9.70 0.58
C ASP B 316 28.27 9.24 -0.24
N GLU B 317 27.44 8.41 0.36
CA GLU B 317 26.24 7.90 -0.30
C GLU B 317 25.25 9.02 -0.63
N ALA B 318 25.20 10.00 0.23
CA ALA B 318 24.28 11.11 0.07
C ALA B 318 24.73 11.87 -1.16
N ASP B 319 26.05 12.09 -1.24
CA ASP B 319 26.64 12.75 -2.40
C ASP B 319 26.37 12.04 -3.74
N ARG B 320 26.28 10.72 -3.69
CA ARG B 320 25.95 9.91 -4.86
C ARG B 320 24.49 10.13 -5.22
N ILE B 321 23.61 10.09 -4.22
CA ILE B 321 22.16 10.39 -4.49
C ILE B 321 21.99 11.76 -5.18
N LEU B 322 22.68 12.75 -4.63
CA LEU B 322 22.63 14.10 -5.13
C LEU B 322 23.09 14.21 -6.61
N ALA B 323 24.14 13.49 -6.97
CA ALA B 323 24.62 13.51 -8.35
C ALA B 323 23.58 12.85 -9.27
N ASP B 324 22.97 11.76 -8.77
CA ASP B 324 21.90 11.10 -9.45
C ASP B 324 20.62 11.98 -9.59
N LEU B 325 20.35 12.82 -8.60
CA LEU B 325 19.17 13.68 -8.65
C LEU B 325 19.35 14.73 -9.71
N GLU B 326 20.57 15.26 -9.77
CA GLU B 326 20.99 16.28 -10.71
C GLU B 326 20.83 15.75 -12.16
N THR B 327 21.28 14.51 -12.37
CA THR B 327 21.12 13.83 -13.68
C THR B 327 19.65 13.64 -14.01
N LEU B 328 18.90 13.16 -13.03
CA LEU B 328 17.50 12.96 -13.28
C LEU B 328 16.82 14.30 -13.67
N CYS B 329 17.16 15.37 -12.97
CA CYS B 329 16.57 16.67 -13.27
C CYS B 329 16.97 17.23 -14.65
N LYS B 330 18.24 17.01 -15.01
CA LYS B 330 18.77 17.42 -16.31
C LYS B 330 18.09 16.65 -17.48
N GLU B 331 17.82 15.36 -17.28
CA GLU B 331 17.17 14.56 -18.31
C GLU B 331 15.75 15.01 -18.56
N HIS B 332 14.84 14.63 -17.67
CA HIS B 332 13.44 15.01 -17.79
C HIS B 332 13.23 16.44 -17.42
N MET C 18 -27.17 49.31 -3.24
CA MET C 18 -26.41 48.25 -3.87
C MET C 18 -27.02 47.73 -5.14
N ALA C 19 -28.26 47.25 -5.08
CA ALA C 19 -28.90 46.70 -6.25
C ALA C 19 -29.15 47.73 -7.33
N SER C 20 -29.58 48.93 -6.93
CA SER C 20 -29.80 50.03 -7.87
C SER C 20 -28.48 50.49 -8.48
N MET C 21 -27.41 50.50 -7.68
CA MET C 21 -26.10 50.92 -8.17
C MET C 21 -25.52 49.90 -9.13
N LYS C 22 -25.76 48.61 -8.89
CA LYS C 22 -25.25 47.60 -9.83
C LYS C 22 -26.00 47.75 -11.15
N THR C 23 -27.29 48.00 -11.04
CA THR C 23 -28.12 48.14 -12.23
C THR C 23 -27.67 49.31 -13.11
N GLU C 24 -27.34 50.46 -12.48
CA GLU C 24 -26.87 51.69 -13.12
C GLU C 24 -25.52 51.52 -13.84
N LEU C 25 -24.61 50.79 -13.17
CA LEU C 25 -23.28 50.48 -13.74
C LEU C 25 -23.47 49.71 -15.05
N ILE C 26 -24.32 48.69 -15.00
CA ILE C 26 -24.62 47.82 -16.16
C ILE C 26 -25.25 48.66 -17.30
N ARG C 27 -26.24 49.50 -16.89
CA ARG C 27 -26.86 50.39 -17.86
C ARG C 27 -25.84 51.32 -18.50
N THR C 28 -24.96 51.91 -17.74
CA THR C 28 -23.94 52.81 -18.25
C THR C 28 -22.95 52.09 -19.15
N ILE C 29 -22.50 50.91 -18.73
CA ILE C 29 -21.59 50.10 -19.52
C ILE C 29 -22.16 49.75 -20.89
N SER C 30 -23.46 49.45 -20.95
CA SER C 30 -24.09 49.06 -22.21
C SER C 30 -24.27 50.21 -23.21
N LEU C 31 -23.90 51.42 -22.80
CA LEU C 31 -24.08 52.62 -23.62
C LEU C 31 -22.81 53.09 -24.30
N TYR C 32 -21.65 52.78 -23.71
CA TYR C 32 -20.41 53.28 -24.31
C TYR C 32 -19.77 52.34 -25.28
N ASP C 33 -19.30 52.89 -26.41
CA ASP C 33 -18.58 52.13 -27.47
C ASP C 33 -17.17 51.71 -27.04
N THR C 34 -16.52 52.59 -26.30
CA THR C 34 -15.14 52.37 -25.89
C THR C 34 -15.09 52.39 -24.34
N ILE C 35 -14.43 51.39 -23.73
CA ILE C 35 -14.33 51.25 -22.28
C ILE C 35 -12.88 50.92 -21.89
N ILE C 36 -12.31 51.73 -21.02
CA ILE C 36 -10.92 51.54 -20.64
C ILE C 36 -10.84 51.33 -19.14
N LEU C 37 -10.12 50.28 -18.70
CA LEU C 37 -10.16 49.87 -17.30
C LEU C 37 -8.80 50.02 -16.68
N HIS C 38 -8.76 50.64 -15.51
CA HIS C 38 -7.49 50.81 -14.79
C HIS C 38 -7.63 50.10 -13.44
N ARG C 39 -6.48 50.01 -12.74
CA ARG C 39 -6.49 49.67 -11.34
C ARG C 39 -5.26 50.35 -10.67
N HIS C 40 -4.92 49.90 -9.45
CA HIS C 40 -3.81 50.53 -8.65
C HIS C 40 -2.40 50.24 -9.08
N VAL C 41 -1.44 51.20 -8.89
CA VAL C 41 -0.05 50.88 -9.18
C VAL C 41 0.47 49.76 -8.29
N ARG C 42 1.53 49.07 -8.70
CA ARG C 42 2.01 47.89 -7.96
C ARG C 42 0.83 46.88 -7.76
N PRO C 43 0.33 46.31 -8.87
CA PRO C 43 -0.94 45.56 -8.85
C PRO C 43 -0.73 44.26 -8.08
N ASP C 44 -1.74 43.87 -7.30
CA ASP C 44 -1.75 42.56 -6.62
C ASP C 44 -2.79 41.62 -7.35
N PRO C 45 -3.01 40.40 -6.83
CA PRO C 45 -4.00 39.51 -7.51
C PRO C 45 -5.37 40.16 -7.59
N ASP C 46 -5.79 40.86 -6.54
CA ASP C 46 -7.13 41.47 -6.60
C ASP C 46 -7.21 42.54 -7.73
N ALA C 47 -6.11 43.27 -7.97
CA ALA C 47 -6.15 44.30 -9.04
C ALA C 47 -6.34 43.63 -10.40
N TYR C 48 -5.61 42.55 -10.63
CA TYR C 48 -5.75 41.86 -11.92
C TYR C 48 -7.10 41.16 -12.05
N GLY C 49 -7.52 40.48 -10.99
CA GLY C 49 -8.81 39.73 -10.98
C GLY C 49 -9.98 40.66 -11.28
N SER C 50 -9.95 41.87 -10.71
CA SER C 50 -11.12 42.74 -10.86
C SER C 50 -11.08 43.49 -12.16
N GLN C 51 -9.95 44.18 -12.41
CA GLN C 51 -9.76 44.90 -13.67
C GLN C 51 -9.83 43.95 -14.91
N CYS C 52 -8.98 42.91 -14.92
CA CYS C 52 -8.97 41.99 -16.07
C CYS C 52 -10.17 41.05 -16.09
N GLY C 53 -10.63 40.59 -14.93
CA GLY C 53 -11.92 39.79 -14.91
C GLY C 53 -13.02 40.58 -15.60
N LEU C 54 -13.18 41.83 -15.21
CA LEU C 54 -14.20 42.66 -15.82
C LEU C 54 -13.93 42.90 -17.31
N THR C 55 -12.70 43.24 -17.69
CA THR C 55 -12.35 43.35 -19.13
C THR C 55 -12.80 42.13 -19.97
N GLU C 56 -12.45 40.95 -19.49
CA GLU C 56 -12.83 39.71 -20.14
C GLU C 56 -14.35 39.39 -20.18
N ILE C 57 -15.11 39.75 -19.13
CA ILE C 57 -16.58 39.70 -19.18
C ILE C 57 -17.11 40.61 -20.30
N LEU C 58 -16.57 41.83 -20.35
CA LEU C 58 -17.02 42.82 -21.35
C LEU C 58 -16.60 42.43 -22.77
N ARG C 59 -15.43 41.86 -22.93
CA ARG C 59 -15.01 41.46 -24.30
C ARG C 59 -15.90 40.30 -24.74
N GLU C 60 -16.20 39.40 -23.83
CA GLU C 60 -16.93 38.21 -24.24
C GLU C 60 -18.38 38.66 -24.53
N THR C 61 -18.88 39.58 -23.74
CA THR C 61 -20.29 40.02 -23.80
C THR C 61 -20.57 40.98 -25.00
N TYR C 62 -19.62 41.86 -25.26
CA TYR C 62 -19.81 42.96 -26.19
C TYR C 62 -18.63 42.95 -27.10
N PRO C 63 -18.60 41.95 -27.99
CA PRO C 63 -17.56 41.81 -29.00
C PRO C 63 -17.41 43.06 -29.89
N GLU C 64 -18.50 43.78 -30.09
CA GLU C 64 -18.46 44.99 -30.90
C GLU C 64 -17.79 46.18 -30.18
N LYS C 65 -17.65 46.14 -28.85
CA LYS C 65 -17.05 47.30 -28.15
C LYS C 65 -15.51 47.33 -28.24
N ASN C 66 -14.92 48.51 -27.96
CA ASN C 66 -13.45 48.56 -27.86
C ASN C 66 -13.14 48.63 -26.36
N ILE C 67 -12.59 47.53 -25.83
CA ILE C 67 -12.36 47.34 -24.40
C ILE C 67 -10.85 47.23 -24.20
N PHE C 68 -10.30 47.99 -23.25
CA PHE C 68 -8.87 48.00 -23.03
C PHE C 68 -8.57 47.93 -21.54
N ALA C 69 -7.49 47.24 -21.17
CA ALA C 69 -7.01 47.27 -19.81
C ALA C 69 -5.58 47.83 -19.83
N VAL C 70 -5.35 48.89 -19.08
CA VAL C 70 -4.12 49.68 -19.16
C VAL C 70 -3.38 49.56 -17.83
N GLY C 71 -2.17 50.10 -17.72
CA GLY C 71 -1.32 49.85 -16.55
C GLY C 71 0.00 49.22 -16.94
N THR C 72 0.99 49.27 -16.05
CA THR C 72 2.25 48.53 -16.24
C THR C 72 2.10 47.09 -15.67
N PRO C 73 2.50 46.06 -16.43
CA PRO C 73 2.34 44.70 -15.89
C PRO C 73 3.20 44.47 -14.65
N GLU C 74 2.73 43.58 -13.76
CA GLU C 74 3.53 43.07 -12.66
C GLU C 74 4.09 41.75 -13.23
N PRO C 75 5.45 41.64 -13.29
CA PRO C 75 6.05 40.45 -13.90
C PRO C 75 5.51 39.13 -13.27
N SER C 76 5.39 39.11 -11.94
CA SER C 76 4.88 37.91 -11.20
C SER C 76 3.41 37.56 -11.43
N LEU C 77 2.65 38.49 -12.01
CA LEU C 77 1.21 38.28 -12.25
C LEU C 77 0.84 38.26 -13.77
N SER C 78 1.88 38.45 -14.59
CA SER C 78 1.72 38.56 -16.07
C SER C 78 1.09 37.36 -16.71
N PHE C 79 1.28 36.20 -16.10
CA PHE C 79 0.64 34.97 -16.60
C PHE C 79 -0.92 35.03 -16.63
N LEU C 80 -1.53 35.88 -15.80
CA LEU C 80 -3.03 36.01 -15.76
C LEU C 80 -3.65 36.63 -17.02
N TYR C 81 -2.96 37.58 -17.65
CA TYR C 81 -3.60 38.39 -18.69
C TYR C 81 -2.56 39.37 -19.15
N SER C 82 -2.59 39.76 -20.45
CA SER C 82 -1.76 40.83 -20.98
C SER C 82 -2.53 42.14 -21.07
N LEU C 83 -1.81 43.25 -20.89
CA LEU C 83 -2.41 44.56 -20.86
C LEU C 83 -2.28 45.29 -22.23
N ASP C 84 -3.02 46.38 -22.41
CA ASP C 84 -3.06 47.10 -23.70
C ASP C 84 -2.25 48.39 -23.60
N GLU C 85 -1.71 48.86 -24.74
CA GLU C 85 -1.17 50.21 -24.82
C GLU C 85 -2.04 51.05 -25.76
N VAL C 86 -2.69 52.10 -25.24
CA VAL C 86 -3.61 52.86 -26.07
C VAL C 86 -3.14 54.30 -26.17
N ASP C 87 -3.46 54.93 -27.31
CA ASP C 87 -3.20 56.38 -27.55
C ASP C 87 -4.12 57.22 -26.64
N ASN C 88 -3.71 58.45 -26.30
CA ASN C 88 -4.57 59.44 -25.59
C ASN C 88 -5.93 59.68 -26.28
N GLU C 89 -5.95 59.61 -27.61
CA GLU C 89 -7.18 59.86 -28.41
C GLU C 89 -8.28 58.81 -28.09
N THR C 90 -7.86 57.58 -27.81
CA THR C 90 -8.79 56.45 -27.47
C THR C 90 -9.68 56.85 -26.33
N TYR C 91 -9.21 57.72 -25.46
CA TYR C 91 -10.00 58.16 -24.34
C TYR C 91 -11.17 59.10 -24.66
N GLU C 92 -11.22 59.71 -25.84
CA GLU C 92 -12.32 60.63 -26.13
C GLU C 92 -13.67 59.93 -26.10
N GLY C 93 -14.64 60.44 -25.33
CA GLY C 93 -15.94 59.79 -25.30
C GLY C 93 -16.03 58.43 -24.64
N ALA C 94 -14.80 57.96 -24.23
CA ALA C 94 -14.83 56.65 -23.55
C ALA C 94 -15.28 56.63 -22.06
N LEU C 95 -15.83 55.49 -21.63
CA LEU C 95 -16.16 55.23 -20.25
C LEU C 95 -14.85 54.69 -19.67
N VAL C 96 -14.48 55.23 -18.53
CA VAL C 96 -13.27 54.75 -17.82
C VAL C 96 -13.77 54.12 -16.50
N ILE C 97 -13.31 52.90 -16.23
CA ILE C 97 -13.73 52.21 -15.01
C ILE C 97 -12.45 52.02 -14.19
N VAL C 98 -12.43 52.40 -12.91
CA VAL C 98 -11.20 52.14 -12.11
C VAL C 98 -11.58 51.14 -11.02
N CYS C 99 -10.87 50.01 -10.99
CA CYS C 99 -11.07 48.97 -9.98
C CYS C 99 -10.07 49.03 -8.87
N ASP C 100 -10.54 48.81 -7.62
CA ASP C 100 -9.65 48.40 -6.52
C ASP C 100 -8.61 49.50 -6.17
N THR C 101 -8.98 50.76 -6.35
CA THR C 101 -8.07 51.86 -6.07
C THR C 101 -8.73 52.84 -5.12
N ALA C 102 -8.26 52.89 -3.88
CA ALA C 102 -8.95 53.74 -2.88
C ALA C 102 -8.61 55.21 -3.12
N ASN C 103 -7.39 55.51 -3.56
CA ASN C 103 -7.04 56.90 -3.88
C ASN C 103 -6.70 57.15 -5.36
N GLN C 104 -7.21 58.23 -5.89
CA GLN C 104 -6.87 58.60 -7.23
C GLN C 104 -5.40 58.69 -7.53
N GLU C 105 -4.57 59.24 -6.64
CA GLU C 105 -3.16 59.48 -6.96
C GLU C 105 -2.42 58.19 -7.30
N ARG C 106 -2.99 57.10 -6.79
CA ARG C 106 -2.44 55.76 -6.91
C ARG C 106 -2.94 54.92 -8.11
N ILE C 107 -3.83 55.50 -8.89
CA ILE C 107 -4.29 54.87 -10.12
C ILE C 107 -3.17 54.76 -11.16
N ASP C 108 -2.90 53.53 -11.60
CA ASP C 108 -1.87 53.29 -12.64
C ASP C 108 -2.35 53.75 -14.00
N ASP C 109 -1.58 54.66 -14.63
CA ASP C 109 -2.00 55.39 -15.85
C ASP C 109 -2.94 56.51 -15.50
N GLN C 110 -2.40 57.73 -15.46
CA GLN C 110 -3.09 58.89 -14.90
C GLN C 110 -3.97 59.61 -15.90
N ARG C 111 -4.32 58.94 -16.98
CA ARG C 111 -5.18 59.51 -18.01
C ARG C 111 -6.65 59.12 -17.75
N TYR C 112 -6.91 58.51 -16.61
CA TYR C 112 -8.25 58.02 -16.30
C TYR C 112 -9.37 59.07 -16.40
N PRO C 113 -9.16 60.25 -15.82
CA PRO C 113 -10.21 61.28 -15.81
C PRO C 113 -10.51 61.99 -17.14
N SER C 114 -9.84 61.55 -18.20
CA SER C 114 -9.93 62.20 -19.50
C SER C 114 -11.09 61.68 -20.35
N GLY C 115 -11.76 60.62 -19.89
CA GLY C 115 -12.88 60.04 -20.65
C GLY C 115 -14.11 60.91 -20.56
N ALA C 116 -15.22 60.47 -21.17
CA ALA C 116 -16.51 61.12 -20.99
C ALA C 116 -17.16 60.82 -19.66
N LYS C 117 -16.77 59.70 -19.04
CA LYS C 117 -17.30 59.30 -17.77
C LYS C 117 -16.34 58.44 -16.97
N LEU C 118 -16.44 58.52 -15.66
CA LEU C 118 -15.53 57.81 -14.75
C LEU C 118 -16.38 56.99 -13.76
N MET C 119 -16.04 55.71 -13.65
CA MET C 119 -16.76 54.79 -12.77
C MET C 119 -15.75 54.19 -11.78
N LYS C 120 -16.06 54.23 -10.51
CA LYS C 120 -15.18 53.70 -9.46
C LYS C 120 -15.83 52.46 -8.86
N ILE C 121 -15.11 51.34 -8.80
CA ILE C 121 -15.61 50.12 -8.16
C ILE C 121 -14.48 49.72 -7.19
N ASP C 122 -14.81 49.66 -5.90
CA ASP C 122 -13.79 49.37 -4.90
C ASP C 122 -14.40 48.77 -3.66
N ALA C 123 -13.56 48.10 -2.88
CA ALA C 123 -14.01 47.46 -1.65
C ALA C 123 -13.34 48.08 -0.42
N HIS C 124 -12.68 49.22 -0.58
CA HIS C 124 -12.02 49.89 0.53
C HIS C 124 -12.83 51.11 0.91
N PRO C 125 -12.67 51.59 2.15
CA PRO C 125 -13.39 52.77 2.62
C PRO C 125 -13.32 53.92 1.58
N ASN C 126 -14.45 54.59 1.37
CA ASN C 126 -14.59 55.57 0.28
C ASN C 126 -14.09 56.95 0.77
N GLU C 127 -12.86 56.99 1.26
CA GLU C 127 -12.23 58.24 1.75
C GLU C 127 -11.96 59.24 0.65
N ASP C 128 -11.77 58.71 -0.55
CA ASP C 128 -11.56 59.50 -1.76
C ASP C 128 -12.68 59.16 -2.76
N PRO C 129 -13.85 59.81 -2.63
CA PRO C 129 -15.07 59.44 -3.39
C PRO C 129 -15.12 60.05 -4.78
N TYR C 130 -14.17 59.66 -5.62
CA TYR C 130 -14.08 60.14 -6.99
C TYR C 130 -14.98 59.33 -7.92
N GLY C 131 -15.24 59.90 -9.09
CA GLY C 131 -15.99 59.21 -10.15
C GLY C 131 -17.36 59.84 -10.35
N ASP C 132 -17.92 59.58 -11.52
CA ASP C 132 -19.34 59.94 -11.81
C ASP C 132 -20.32 58.90 -11.25
N LEU C 133 -19.92 57.64 -11.29
CA LEU C 133 -20.71 56.54 -10.73
C LEU C 133 -19.82 55.73 -9.81
N LEU C 134 -20.21 55.59 -8.55
CA LEU C 134 -19.33 54.95 -7.55
C LEU C 134 -20.04 53.76 -6.98
N TRP C 135 -19.38 52.62 -6.93
CA TRP C 135 -19.94 51.54 -6.15
C TRP C 135 -18.83 51.11 -5.23
N VAL C 136 -18.99 51.32 -3.93
CA VAL C 136 -18.01 50.89 -2.96
C VAL C 136 -18.74 50.01 -1.96
N ASP C 137 -18.24 48.81 -1.78
CA ASP C 137 -18.82 47.92 -0.82
C ASP C 137 -17.73 47.39 0.12
N THR C 138 -17.67 47.90 1.36
CA THR C 138 -16.60 47.45 2.29
C THR C 138 -16.90 46.09 2.94
N SER C 139 -18.07 45.55 2.68
CA SER C 139 -18.41 44.22 3.22
C SER C 139 -17.84 43.09 2.32
N ALA C 140 -17.43 43.49 1.12
CA ALA C 140 -16.94 42.57 0.09
C ALA C 140 -15.54 42.14 0.48
N SER C 141 -15.24 40.88 0.29
CA SER C 141 -13.84 40.43 0.57
C SER C 141 -12.82 41.20 -0.28
N SER C 142 -13.19 41.55 -1.49
CA SER C 142 -12.22 41.91 -2.48
C SER C 142 -13.03 42.55 -3.60
N VAL C 143 -12.36 43.28 -4.49
CA VAL C 143 -13.09 43.82 -5.65
C VAL C 143 -13.38 42.72 -6.67
N SER C 144 -12.56 41.66 -6.67
CA SER C 144 -12.82 40.51 -7.52
C SER C 144 -14.17 39.90 -7.16
N GLU C 145 -14.45 39.78 -5.86
CA GLU C 145 -15.76 39.38 -5.38
C GLU C 145 -16.89 40.29 -5.89
N MET C 146 -16.66 41.59 -5.77
CA MET C 146 -17.59 42.57 -6.34
C MET C 146 -17.85 42.39 -7.85
N ILE C 147 -16.82 42.05 -8.61
CA ILE C 147 -16.98 41.89 -10.05
C ILE C 147 -17.89 40.65 -10.34
N TYR C 148 -17.66 39.57 -9.60
CA TYR C 148 -18.53 38.39 -9.71
C TYR C 148 -19.98 38.77 -9.38
N GLU C 149 -20.18 39.51 -8.27
CA GLU C 149 -21.52 39.95 -7.89
C GLU C 149 -22.14 40.81 -9.00
N LEU C 150 -21.34 41.68 -9.63
CA LEU C 150 -21.83 42.50 -10.73
C LEU C 150 -22.24 41.63 -11.92
N TYR C 151 -21.40 40.61 -12.19
CA TYR C 151 -21.68 39.61 -13.21
C TYR C 151 -23.04 38.86 -12.91
N LEU C 152 -23.31 38.54 -11.65
CA LEU C 152 -24.54 37.82 -11.32
C LEU C 152 -25.73 38.66 -11.78
N GLU C 153 -25.69 39.99 -11.55
CA GLU C 153 -26.76 40.85 -12.02
C GLU C 153 -26.67 41.03 -13.50
N GLY C 154 -25.47 41.27 -14.00
CA GLY C 154 -25.25 41.32 -15.45
C GLY C 154 -25.78 40.11 -16.28
N LYS C 155 -25.84 38.94 -15.65
CA LYS C 155 -26.31 37.74 -16.33
C LYS C 155 -27.75 37.93 -16.80
N GLU C 156 -28.47 38.78 -16.08
CA GLU C 156 -29.86 39.09 -16.41
C GLU C 156 -29.96 40.12 -17.55
N HIS C 157 -28.81 40.68 -17.92
CA HIS C 157 -28.72 41.58 -19.09
C HIS C 157 -27.87 40.96 -20.18
N GLY C 158 -27.63 39.65 -20.13
CA GLY C 158 -26.93 39.03 -21.24
C GLY C 158 -25.42 38.94 -21.04
N TRP C 159 -24.90 39.36 -19.89
CA TRP C 159 -23.43 39.21 -19.64
C TRP C 159 -23.00 37.76 -19.66
N LYS C 160 -21.81 37.50 -20.15
CA LYS C 160 -21.27 36.17 -20.21
C LYS C 160 -19.91 35.99 -19.51
N LEU C 161 -19.82 35.01 -18.65
CA LEU C 161 -18.56 34.67 -18.00
C LEU C 161 -17.89 33.46 -18.68
N ASN C 162 -16.68 33.64 -19.20
CA ASN C 162 -15.99 32.50 -19.81
C ASN C 162 -14.92 31.96 -18.87
N THR C 163 -14.17 30.97 -19.36
CA THR C 163 -13.17 30.29 -18.56
C THR C 163 -12.04 31.19 -18.06
N LYS C 164 -11.54 32.08 -18.92
CA LYS C 164 -10.51 33.06 -18.46
C LYS C 164 -11.03 34.02 -17.38
N ALA C 165 -12.22 34.60 -17.62
CA ALA C 165 -12.82 35.52 -16.67
C ALA C 165 -13.00 34.82 -15.31
N ALA C 166 -13.49 33.57 -15.31
CA ALA C 166 -13.65 32.84 -14.04
C ALA C 166 -12.28 32.69 -13.35
N GLU C 167 -11.24 32.36 -14.13
CA GLU C 167 -9.95 32.09 -13.56
C GLU C 167 -9.44 33.35 -12.93
N LEU C 168 -9.55 34.44 -13.65
CA LEU C 168 -9.14 35.78 -13.11
C LEU C 168 -9.81 36.13 -11.79
N ILE C 169 -11.14 35.96 -11.75
CA ILE C 169 -11.87 36.39 -10.59
C ILE C 169 -11.46 35.50 -9.40
N TYR C 170 -11.35 34.21 -9.68
CA TYR C 170 -10.93 33.30 -8.61
C TYR C 170 -9.51 33.60 -8.07
N ALA C 171 -8.60 33.90 -8.99
CA ALA C 171 -7.24 34.36 -8.61
C ALA C 171 -7.30 35.58 -7.71
N GLY C 172 -8.16 36.52 -8.05
CA GLY C 172 -8.29 37.73 -7.23
C GLY C 172 -8.78 37.41 -5.82
N ILE C 173 -9.86 36.65 -5.74
CA ILE C 173 -10.50 36.42 -4.44
C ILE C 173 -9.55 35.65 -3.52
N VAL C 174 -8.93 34.63 -4.10
CA VAL C 174 -7.96 33.80 -3.39
C VAL C 174 -6.73 34.61 -3.05
N GLY C 175 -6.25 35.41 -3.99
CA GLY C 175 -5.10 36.25 -3.70
C GLY C 175 -5.30 37.21 -2.55
N ASP C 176 -6.47 37.86 -2.52
CA ASP C 176 -6.79 38.84 -1.48
C ASP C 176 -7.19 38.27 -0.10
N THR C 177 -7.67 36.99 -0.04
CA THR C 177 -8.07 36.45 1.25
C THR C 177 -7.03 35.49 1.78
N GLY C 178 -5.85 35.44 1.15
CA GLY C 178 -4.81 34.44 1.43
C GLY C 178 -5.41 33.01 1.41
N ARG C 179 -6.15 32.74 0.35
CA ARG C 179 -6.85 31.48 0.15
C ARG C 179 -7.78 31.17 1.34
N PHE C 180 -8.71 32.09 1.61
CA PHE C 180 -9.82 31.89 2.57
C PHE C 180 -9.30 31.82 4.00
N LEU C 181 -8.17 32.48 4.22
CA LEU C 181 -7.55 32.55 5.53
C LEU C 181 -7.98 33.82 6.29
N PHE C 182 -7.96 34.97 5.63
CA PHE C 182 -8.00 36.27 6.29
C PHE C 182 -9.44 36.61 6.68
N PRO C 183 -9.65 37.53 7.68
CA PRO C 183 -11.05 37.73 8.11
C PRO C 183 -11.91 38.48 7.11
N ASN C 184 -11.35 38.89 5.96
CA ASN C 184 -12.22 39.45 4.88
C ASN C 184 -13.03 38.36 4.15
N THR C 185 -12.70 37.07 4.38
CA THR C 185 -13.44 35.93 3.80
C THR C 185 -14.80 35.85 4.47
N THR C 186 -15.90 35.71 3.71
CA THR C 186 -17.22 35.64 4.26
C THR C 186 -17.89 34.45 3.63
N GLU C 187 -19.12 34.17 4.03
CA GLU C 187 -19.87 33.05 3.45
C GLU C 187 -20.02 33.23 1.95
N LYS C 188 -20.26 34.47 1.53
CA LYS C 188 -20.41 34.81 0.11
C LYS C 188 -19.16 34.45 -0.66
N THR C 189 -18.04 34.82 -0.10
CA THR C 189 -16.76 34.60 -0.74
C THR C 189 -16.59 33.12 -1.07
N LEU C 190 -16.86 32.28 -0.08
CA LEU C 190 -16.69 30.84 -0.31
C LEU C 190 -17.74 30.29 -1.29
N LYS C 191 -18.96 30.79 -1.21
CA LYS C 191 -19.98 30.35 -2.16
C LYS C 191 -19.57 30.67 -3.60
N TYR C 192 -19.12 31.91 -3.84
CA TYR C 192 -18.74 32.27 -5.18
C TYR C 192 -17.54 31.44 -5.65
N ALA C 193 -16.61 31.11 -4.73
CA ALA C 193 -15.42 30.39 -5.20
C ALA C 193 -15.84 29.01 -5.76
N GLY C 194 -16.83 28.44 -5.09
CA GLY C 194 -17.35 27.10 -5.47
C GLY C 194 -18.08 27.20 -6.79
N GLU C 195 -18.76 28.31 -7.05
CA GLU C 195 -19.28 28.59 -8.44
C GLU C 195 -18.18 28.76 -9.51
N LEU C 196 -17.10 29.48 -9.19
CA LEU C 196 -16.01 29.73 -10.13
C LEU C 196 -15.18 28.49 -10.48
N ILE C 197 -14.94 27.67 -9.45
CA ILE C 197 -14.10 26.49 -9.63
C ILE C 197 -14.77 25.43 -10.54
N GLN C 198 -16.09 25.54 -10.73
CA GLN C 198 -16.75 24.75 -11.82
C GLN C 198 -16.28 25.03 -13.28
N TYR C 199 -15.64 26.18 -13.56
CA TYR C 199 -15.10 26.45 -14.90
C TYR C 199 -13.83 25.69 -15.16
N PRO C 200 -13.60 25.31 -16.45
CA PRO C 200 -12.50 24.36 -16.61
C PRO C 200 -11.09 25.02 -16.66
N PHE C 201 -10.67 25.77 -15.64
CA PHE C 201 -9.27 26.18 -15.57
C PHE C 201 -8.61 25.32 -14.48
N SER C 202 -7.29 25.26 -14.52
CA SER C 202 -6.56 24.47 -13.53
C SER C 202 -6.28 25.27 -12.27
N SER C 203 -7.00 24.99 -11.19
CA SER C 203 -6.74 25.71 -9.97
C SER C 203 -5.36 25.35 -9.35
N SER C 204 -4.99 24.08 -9.44
CA SER C 204 -3.61 23.64 -9.09
C SER C 204 -2.52 24.46 -9.79
N GLU C 205 -2.66 24.59 -11.10
CA GLU C 205 -1.71 25.34 -11.91
C GLU C 205 -1.72 26.81 -11.52
N LEU C 206 -2.92 27.34 -11.29
CA LEU C 206 -3.05 28.77 -10.86
C LEU C 206 -2.25 28.98 -9.55
N PHE C 207 -2.50 28.11 -8.58
CA PHE C 207 -1.85 28.22 -7.28
C PHE C 207 -0.33 28.19 -7.42
N ASN C 208 0.15 27.22 -8.19
CA ASN C 208 1.59 27.07 -8.45
C ASN C 208 2.20 28.39 -8.96
N GLN C 209 1.50 29.05 -9.89
CA GLN C 209 2.01 30.29 -10.43
C GLN C 209 1.88 31.44 -9.46
N LEU C 210 0.78 31.52 -8.69
CA LEU C 210 0.63 32.63 -7.71
C LEU C 210 1.64 32.59 -6.57
N TYR C 211 2.01 31.37 -6.14
CA TYR C 211 2.84 31.18 -4.98
C TYR C 211 4.33 31.08 -5.25
N GLU C 212 4.71 30.99 -6.52
CA GLU C 212 6.11 30.84 -6.92
C GLU C 212 6.92 31.98 -6.40
N THR C 213 7.99 31.66 -5.68
CA THR C 213 8.81 32.65 -5.01
C THR C 213 10.26 32.56 -5.46
N LYS C 214 10.86 33.74 -5.77
CA LYS C 214 12.26 33.75 -6.14
C LYS C 214 13.12 33.18 -5.04
N LEU C 215 14.09 32.37 -5.44
CA LEU C 215 14.97 31.76 -4.44
C LEU C 215 15.59 32.77 -3.41
N ASN C 216 16.04 33.92 -3.88
CA ASN C 216 16.71 34.80 -2.95
C ASN C 216 15.74 35.38 -1.89
N VAL C 217 14.47 35.59 -2.24
CA VAL C 217 13.41 36.01 -1.25
C VAL C 217 13.16 34.88 -0.30
N VAL C 218 13.17 33.64 -0.81
CA VAL C 218 13.15 32.47 0.10
C VAL C 218 14.27 32.41 1.13
N LYS C 219 15.50 32.65 0.67
CA LYS C 219 16.64 32.64 1.60
C LYS C 219 16.53 33.79 2.59
N LEU C 220 16.11 34.96 2.12
CA LEU C 220 15.81 36.10 3.04
C LEU C 220 14.76 35.68 4.09
N ASN C 221 13.69 35.02 3.67
CA ASN C 221 12.68 34.56 4.63
C ASN C 221 13.32 33.58 5.63
N GLY C 222 14.34 32.82 5.20
CA GLY C 222 14.97 31.92 6.13
C GLY C 222 15.84 32.66 7.14
N PHE C 223 16.51 33.71 6.65
CA PHE C 223 17.22 34.63 7.59
C PHE C 223 16.19 35.20 8.60
N ILE C 224 15.05 35.68 8.10
CA ILE C 224 13.99 36.23 8.97
C ILE C 224 13.60 35.19 10.03
N PHE C 225 13.27 33.96 9.62
CA PHE C 225 12.82 32.92 10.56
C PHE C 225 13.88 32.54 11.57
N GLN C 226 15.04 32.42 11.19
CA GLN C 226 16.14 32.16 12.13
C GLN C 226 16.46 33.36 12.99
N ASN C 227 16.26 34.52 12.54
CA ASN C 227 16.61 35.69 13.37
C ASN C 227 15.51 36.43 14.13
N VAL C 228 14.30 35.87 14.18
CA VAL C 228 13.23 36.48 14.97
C VAL C 228 13.53 36.37 16.49
N SER C 229 13.20 37.45 17.21
CA SER C 229 13.27 37.52 18.68
C SER C 229 11.88 37.44 19.21
N LEU C 230 11.58 36.53 20.13
CA LEU C 230 10.22 36.45 20.68
C LEU C 230 10.29 36.58 22.21
N SER C 231 9.65 37.59 22.77
CA SER C 231 9.73 37.80 24.22
C SER C 231 8.70 36.91 24.91
N GLU C 232 8.78 36.81 26.23
CA GLU C 232 7.79 36.06 27.00
C GLU C 232 6.40 36.65 26.82
N ASN C 233 6.35 37.97 26.66
CA ASN C 233 5.08 38.67 26.46
C ASN C 233 4.52 38.52 25.03
N GLY C 234 5.24 37.81 24.15
CA GLY C 234 4.71 37.56 22.80
C GLY C 234 5.04 38.69 21.83
N ALA C 235 6.01 39.53 22.19
CA ALA C 235 6.50 40.59 21.28
C ALA C 235 7.62 40.06 20.44
N ALA C 236 7.57 40.20 19.12
CA ALA C 236 8.66 39.71 18.25
C ALA C 236 9.16 40.83 17.39
N SER C 237 10.39 40.68 16.94
CA SER C 237 10.94 41.67 16.04
C SER C 237 12.03 41.05 15.17
N VAL C 238 12.21 41.68 14.02
CA VAL C 238 13.26 41.33 13.07
C VAL C 238 13.88 42.61 12.54
N PHE C 239 15.22 42.63 12.43
CA PHE C 239 15.93 43.76 11.86
C PHE C 239 16.54 43.28 10.56
N ILE C 240 16.20 44.00 9.49
CA ILE C 240 16.74 43.75 8.14
C ILE C 240 17.49 45.02 7.67
N LYS C 241 18.81 45.02 7.97
CA LYS C 241 19.71 46.14 7.59
C LYS C 241 20.31 45.98 6.21
N LYS C 242 20.98 47.03 5.74
CA LYS C 242 21.48 47.07 4.37
C LYS C 242 22.33 45.86 4.05
N ASP C 243 23.18 45.51 5.01
CA ASP C 243 24.06 44.35 4.88
C ASP C 243 23.30 43.08 4.49
N THR C 244 22.13 42.86 5.09
CA THR C 244 21.36 41.66 4.83
C THR C 244 20.73 41.73 3.44
N LEU C 245 20.15 42.89 3.11
CA LEU C 245 19.50 43.12 1.80
C LEU C 245 20.52 42.84 0.62
N GLU C 246 21.73 43.40 0.76
CA GLU C 246 22.89 43.14 -0.14
C GLU C 246 23.32 41.69 -0.19
N LYS C 247 23.47 41.03 0.96
CA LYS C 247 23.78 39.62 0.96
C LYS C 247 22.77 38.78 0.11
N PHE C 248 21.47 39.00 0.31
CA PHE C 248 20.47 38.13 -0.34
C PHE C 248 20.05 38.66 -1.73
N GLY C 249 20.49 39.87 -2.07
CA GLY C 249 20.06 40.50 -3.34
C GLY C 249 18.57 40.82 -3.39
N THR C 250 18.03 41.24 -2.25
CA THR C 250 16.60 41.44 -2.19
C THR C 250 16.38 42.90 -1.96
N THR C 251 15.31 43.44 -2.54
CA THR C 251 14.95 44.85 -2.30
C THR C 251 14.33 45.06 -0.89
N ALA C 252 14.33 46.33 -0.42
CA ALA C 252 13.70 46.65 0.84
C ALA C 252 12.23 46.27 0.79
N SER C 253 11.66 46.48 -0.38
CA SER C 253 10.27 46.18 -0.55
C SER C 253 10.01 44.67 -0.51
N GLU C 254 10.86 43.90 -1.03
CA GLU C 254 10.75 42.47 -0.88
C GLU C 254 10.78 42.05 0.56
N ALA C 255 11.72 42.58 1.34
CA ALA C 255 11.79 42.24 2.74
C ALA C 255 10.49 42.60 3.50
N SER C 256 9.98 43.83 3.25
CA SER C 256 8.78 44.32 3.94
C SER C 256 7.60 43.41 3.67
N GLN C 257 7.53 42.88 2.45
CA GLN C 257 6.43 42.00 2.05
C GLN C 257 6.37 40.72 2.90
N LEU C 258 7.49 40.35 3.49
CA LEU C 258 7.56 39.12 4.29
C LEU C 258 7.08 39.31 5.73
N VAL C 259 6.64 40.53 6.08
CA VAL C 259 6.21 40.74 7.50
C VAL C 259 5.09 39.81 7.93
N GLY C 260 4.24 39.35 7.00
CA GLY C 260 3.10 38.52 7.41
C GLY C 260 3.52 37.10 7.77
N THR C 261 4.75 36.68 7.44
CA THR C 261 5.15 35.25 7.62
C THR C 261 5.40 34.77 9.04
N LEU C 262 5.51 35.66 10.04
CA LEU C 262 5.70 35.23 11.44
C LEU C 262 4.40 34.79 12.13
N GLY C 263 3.31 34.90 11.43
CA GLY C 263 1.96 34.84 12.03
C GLY C 263 1.60 33.52 12.74
N ASN C 264 2.24 32.40 12.42
CA ASN C 264 1.91 31.15 13.14
C ASN C 264 2.91 30.77 14.25
N ILE C 265 3.82 31.68 14.63
CA ILE C 265 4.82 31.31 15.68
C ILE C 265 4.09 31.15 16.98
N SER C 266 4.28 30.01 17.65
CA SER C 266 3.53 29.76 18.88
C SER C 266 3.79 30.86 19.91
N GLY C 267 2.74 31.43 20.53
CA GLY C 267 2.91 32.47 21.59
C GLY C 267 3.05 33.92 21.05
N ILE C 268 3.08 34.09 19.72
CA ILE C 268 3.27 35.43 19.11
C ILE C 268 2.03 36.31 19.28
N ARG C 269 2.19 37.59 19.64
CA ARG C 269 1.06 38.48 19.82
C ARG C 269 1.11 39.71 18.89
N ALA C 270 2.26 40.36 18.83
CA ALA C 270 2.43 41.45 17.89
C ALA C 270 3.89 41.51 17.52
N TRP C 271 4.19 42.01 16.32
CA TRP C 271 5.57 42.02 15.90
C TRP C 271 5.86 43.16 15.01
N VAL C 272 7.17 43.40 14.87
CA VAL C 272 7.63 44.47 14.05
C VAL C 272 8.87 44.09 13.22
N PHE C 273 8.92 44.59 11.98
CA PHE C 273 10.10 44.51 11.10
C PHE C 273 10.65 45.91 10.98
N PHE C 274 11.96 45.99 11.06
CA PHE C 274 12.71 47.16 10.68
C PHE C 274 13.51 46.84 9.43
N VAL C 275 13.22 47.58 8.37
CA VAL C 275 13.88 47.39 7.06
C VAL C 275 14.61 48.70 6.65
N GLU C 276 15.93 48.67 6.60
CA GLU C 276 16.70 49.87 6.29
C GLU C 276 16.68 50.26 4.80
N GLU C 277 16.30 51.50 4.52
CA GLU C 277 16.38 52.07 3.15
C GLU C 277 17.44 53.20 3.17
N ASP C 278 17.62 53.87 2.05
CA ASP C 278 18.65 54.87 1.88
C ASP C 278 18.47 56.05 2.80
N ASP C 279 17.23 56.53 2.92
CA ASP C 279 16.95 57.78 3.61
C ASP C 279 15.97 57.64 4.82
N GLN C 280 15.59 56.40 5.14
CA GLN C 280 14.69 56.12 6.24
C GLN C 280 14.78 54.63 6.62
N ILE C 281 14.33 54.33 7.84
CA ILE C 281 14.08 52.93 8.24
C ILE C 281 12.56 52.67 8.17
N ARG C 282 12.12 51.70 7.38
CA ARG C 282 10.69 51.41 7.30
C ARG C 282 10.26 50.44 8.40
N VAL C 283 9.20 50.75 9.13
CA VAL C 283 8.76 49.84 10.20
C VAL C 283 7.42 49.21 9.86
N ARG C 284 7.33 47.88 9.90
CA ARG C 284 6.05 47.22 9.67
C ARG C 284 5.51 46.57 10.94
N PHE C 285 4.32 46.99 11.38
CA PHE C 285 3.74 46.41 12.56
C PHE C 285 2.64 45.46 12.18
N ARG C 286 2.60 44.29 12.81
CA ARG C 286 1.51 43.33 12.62
C ARG C 286 1.10 42.77 13.98
N SER C 287 -0.20 42.46 14.17
CA SER C 287 -0.63 41.96 15.50
C SER C 287 -1.65 40.85 15.35
N LYS C 288 -1.72 39.95 16.31
CA LYS C 288 -2.77 38.92 16.34
C LYS C 288 -3.97 39.31 17.21
N GLY C 289 -3.89 40.48 17.85
CA GLY C 289 -4.94 40.99 18.71
C GLY C 289 -4.68 42.40 19.20
N PRO C 290 -3.67 42.58 20.05
CA PRO C 290 -3.39 43.92 20.59
C PRO C 290 -3.34 45.03 19.50
N VAL C 291 -4.11 46.10 19.68
CA VAL C 291 -4.20 47.16 18.68
C VAL C 291 -2.84 47.87 18.56
N ILE C 292 -2.31 48.02 17.34
CA ILE C 292 -0.95 48.62 17.17
C ILE C 292 -0.94 49.89 16.30
N ASN C 293 -2.10 50.38 15.91
CA ASN C 293 -2.08 51.59 15.08
C ASN C 293 -1.82 52.88 15.86
N GLY C 294 -2.10 52.85 17.15
CA GLY C 294 -1.66 53.92 18.10
C GLY C 294 -0.14 53.95 18.24
N LEU C 295 0.48 52.77 18.43
CA LEU C 295 1.96 52.70 18.48
C LEU C 295 2.51 53.24 17.17
N ALA C 296 1.85 52.93 16.07
CA ALA C 296 2.40 53.43 14.81
C ALA C 296 2.24 54.97 14.75
N ARG C 297 1.07 55.46 15.16
CA ARG C 297 0.86 56.89 15.29
C ARG C 297 1.91 57.53 16.22
N LYS C 298 2.12 56.93 17.38
CA LYS C 298 3.08 57.51 18.32
C LYS C 298 4.39 57.84 17.61
N TYR C 299 4.76 57.04 16.61
CA TYR C 299 6.00 57.21 15.86
C TYR C 299 5.79 57.80 14.49
N ASN C 300 4.69 58.55 14.35
CA ASN C 300 4.38 59.36 13.17
C ASN C 300 3.90 58.61 11.94
N GLY C 301 3.47 57.36 12.14
CA GLY C 301 2.85 56.58 11.03
C GLY C 301 1.37 56.34 11.28
N GLY C 302 0.86 55.20 10.83
CA GLY C 302 -0.53 54.84 11.11
C GLY C 302 -0.92 53.60 10.33
N GLY C 303 -2.23 53.35 10.22
CA GLY C 303 -2.73 52.16 9.52
C GLY C 303 -3.85 51.49 10.28
N HIS C 304 -4.12 50.20 10.00
CA HIS C 304 -5.19 49.45 10.71
C HIS C 304 -4.78 48.98 12.09
N PRO C 305 -5.74 48.68 12.98
CA PRO C 305 -5.50 48.20 14.33
C PRO C 305 -4.50 47.03 14.34
N LEU C 306 -4.51 46.22 13.29
CA LEU C 306 -3.70 44.97 13.24
C LEU C 306 -2.56 44.98 12.18
N ALA C 307 -2.39 46.09 11.45
CA ALA C 307 -1.44 46.21 10.35
C ALA C 307 -1.14 47.71 10.18
N SER C 308 0.03 48.17 10.66
CA SER C 308 0.39 49.56 10.51
C SER C 308 1.84 49.72 10.11
N GLY C 309 2.25 50.98 9.88
CA GLY C 309 3.62 51.23 9.50
C GLY C 309 4.03 52.62 9.94
N ALA C 310 5.35 52.86 9.92
CA ALA C 310 5.97 54.15 10.18
C ALA C 310 7.29 54.23 9.47
N SER C 311 7.91 55.40 9.57
CA SER C 311 9.29 55.59 9.13
C SER C 311 10.07 56.31 10.20
N ILE C 312 11.23 55.77 10.51
CA ILE C 312 12.07 56.34 11.55
C ILE C 312 13.46 56.62 10.95
N TYR C 313 14.33 57.32 11.71
CA TYR C 313 15.58 57.82 11.14
C TYR C 313 16.80 57.51 12.00
N SER C 314 16.64 56.64 13.00
CA SER C 314 17.79 56.12 13.73
C SER C 314 17.52 54.75 14.38
N TRP C 315 18.57 53.97 14.64
CA TRP C 315 18.41 52.68 15.33
C TRP C 315 18.00 52.87 16.79
N ASP C 316 18.27 54.08 17.33
CA ASP C 316 17.91 54.38 18.70
C ASP C 316 16.42 54.45 18.84
N GLU C 317 15.79 55.04 17.83
CA GLU C 317 14.34 55.08 17.75
C GLU C 317 13.72 53.68 17.56
N ALA C 318 14.39 52.76 16.84
CA ALA C 318 13.92 51.37 16.75
C ALA C 318 13.90 50.69 18.09
N ASP C 319 14.91 50.93 18.92
CA ASP C 319 14.88 50.37 20.26
C ASP C 319 13.77 50.97 21.11
N ARG C 320 13.45 52.24 20.88
CA ARG C 320 12.30 52.86 21.53
C ARG C 320 11.04 52.07 21.19
N ILE C 321 10.79 51.88 19.90
CA ILE C 321 9.68 51.06 19.43
C ILE C 321 9.59 49.69 20.10
N LEU C 322 10.74 49.00 20.21
CA LEU C 322 10.85 47.66 20.79
C LEU C 322 10.45 47.57 22.27
N ALA C 323 10.93 48.54 23.08
CA ALA C 323 10.40 48.82 24.42
C ALA C 323 8.86 48.98 24.46
N ASP C 324 8.35 49.83 23.60
CA ASP C 324 6.94 50.18 23.62
C ASP C 324 6.07 48.97 23.23
N LEU C 325 6.54 48.25 22.21
CA LEU C 325 5.90 47.02 21.83
C LEU C 325 5.93 45.96 22.98
N GLU C 326 7.03 45.85 23.70
CA GLU C 326 7.09 44.93 24.83
C GLU C 326 5.99 45.25 25.84
N THR C 327 5.82 46.55 26.10
CA THR C 327 4.78 47.09 27.03
C THR C 327 3.35 46.91 26.55
N LEU C 328 3.12 47.24 25.30
CA LEU C 328 1.85 47.00 24.68
C LEU C 328 1.42 45.53 24.72
N CYS C 329 2.35 44.60 24.54
CA CYS C 329 2.06 43.20 24.65
C CYS C 329 1.87 42.73 26.08
N LYS C 330 2.64 43.25 27.02
CA LYS C 330 2.50 42.84 28.42
C LYS C 330 1.11 43.15 28.96
N GLU C 331 0.55 44.26 28.52
CA GLU C 331 -0.79 44.69 28.95
C GLU C 331 -1.85 44.25 27.96
N SER D 17 30.76 -53.51 3.81
CA SER D 17 30.19 -52.18 3.84
C SER D 17 29.54 -51.89 2.51
N MET D 18 28.34 -51.32 2.60
CA MET D 18 27.57 -50.97 1.39
C MET D 18 27.88 -49.53 1.01
N ALA D 19 28.42 -48.77 1.94
CA ALA D 19 28.76 -47.36 1.70
C ALA D 19 29.93 -47.24 0.72
N SER D 20 30.88 -48.16 0.84
CA SER D 20 32.12 -48.12 0.05
C SER D 20 31.94 -48.67 -1.37
N MET D 21 30.73 -49.10 -1.69
CA MET D 21 30.43 -49.63 -3.01
C MET D 21 30.52 -48.47 -4.03
N LYS D 22 30.29 -47.23 -3.61
CA LYS D 22 30.25 -46.10 -4.59
C LYS D 22 31.50 -46.11 -5.44
N THR D 23 32.70 -46.17 -4.84
CA THR D 23 33.86 -46.16 -5.70
C THR D 23 33.95 -47.45 -6.52
N GLU D 24 33.35 -48.60 -6.10
CA GLU D 24 33.43 -49.78 -6.98
C GLU D 24 32.60 -49.57 -8.23
N LEU D 25 31.45 -48.93 -8.04
CA LEU D 25 30.56 -48.60 -9.15
C LEU D 25 31.26 -47.65 -10.12
N ILE D 26 31.90 -46.62 -9.58
CA ILE D 26 32.64 -45.62 -10.46
C ILE D 26 33.77 -46.30 -11.27
N ARG D 27 34.57 -47.11 -10.58
CA ARG D 27 35.69 -47.79 -11.21
C ARG D 27 35.23 -48.73 -12.33
N THR D 28 34.13 -49.44 -12.10
CA THR D 28 33.62 -50.40 -13.10
C THR D 28 33.06 -49.62 -14.29
N ILE D 29 32.30 -48.54 -14.01
CA ILE D 29 31.79 -47.72 -15.07
C ILE D 29 32.94 -47.24 -15.98
N SER D 30 34.07 -46.81 -15.41
CA SER D 30 35.15 -46.27 -16.27
C SER D 30 35.72 -47.38 -17.22
N LEU D 31 35.65 -48.66 -16.82
CA LEU D 31 36.21 -49.75 -17.64
C LEU D 31 35.47 -50.11 -18.92
N TYR D 32 34.15 -49.87 -18.98
CA TYR D 32 33.34 -50.40 -20.08
C TYR D 32 33.04 -49.36 -21.16
N ASP D 33 33.25 -49.72 -22.44
CA ASP D 33 32.95 -48.88 -23.59
C ASP D 33 31.49 -48.65 -23.90
N THR D 34 30.64 -49.64 -23.66
CA THR D 34 29.22 -49.52 -23.88
C THR D 34 28.57 -49.76 -22.52
N ILE D 35 27.64 -48.87 -22.15
CA ILE D 35 26.87 -48.95 -20.90
C ILE D 35 25.38 -48.75 -21.23
N ILE D 36 24.53 -49.64 -20.73
CA ILE D 36 23.14 -49.62 -21.05
C ILE D 36 22.35 -49.59 -19.76
N LEU D 37 21.44 -48.63 -19.67
CA LEU D 37 20.75 -48.42 -18.36
C LEU D 37 19.26 -48.71 -18.44
N HIS D 38 18.77 -49.51 -17.49
CA HIS D 38 17.37 -49.85 -17.41
C HIS D 38 16.77 -49.22 -16.14
N ARG D 39 15.44 -49.19 -16.12
CA ARG D 39 14.64 -48.88 -14.94
C ARG D 39 13.43 -49.83 -14.89
N HIS D 40 12.55 -49.64 -13.91
CA HIS D 40 11.33 -50.48 -13.76
C HIS D 40 10.23 -50.22 -14.79
N VAL D 41 9.44 -51.27 -15.09
CA VAL D 41 8.26 -51.06 -15.94
C VAL D 41 7.30 -50.08 -15.36
N ARG D 42 6.54 -49.41 -16.26
CA ARG D 42 5.63 -48.33 -15.89
C ARG D 42 6.37 -47.29 -15.00
N PRO D 43 7.36 -46.62 -15.59
CA PRO D 43 8.25 -45.74 -14.83
C PRO D 43 7.55 -44.53 -14.20
N ASP D 44 8.06 -44.08 -13.05
CA ASP D 44 7.58 -42.87 -12.44
C ASP D 44 8.65 -41.82 -12.63
N PRO D 45 8.62 -40.79 -11.79
CA PRO D 45 9.66 -39.77 -11.82
C PRO D 45 11.02 -40.29 -11.26
N ASP D 46 11.02 -41.02 -10.16
CA ASP D 46 12.33 -41.51 -9.66
C ASP D 46 13.01 -42.44 -10.70
N ALA D 47 12.20 -43.21 -11.41
CA ALA D 47 12.70 -44.08 -12.47
C ALA D 47 13.50 -43.28 -13.51
N TYR D 48 12.88 -42.23 -14.05
CA TYR D 48 13.52 -41.43 -15.07
C TYR D 48 14.70 -40.66 -14.44
N GLY D 49 14.49 -40.14 -13.20
CA GLY D 49 15.52 -39.29 -12.61
C GLY D 49 16.82 -40.08 -12.42
N SER D 50 16.69 -41.33 -11.96
CA SER D 50 17.92 -42.11 -11.66
C SER D 50 18.54 -42.68 -12.96
N GLN D 51 17.76 -43.44 -13.75
CA GLN D 51 18.24 -43.99 -15.03
C GLN D 51 18.75 -42.83 -15.96
N CYS D 52 17.90 -41.84 -16.25
CA CYS D 52 18.28 -40.78 -17.22
C CYS D 52 19.27 -39.79 -16.65
N GLY D 53 19.16 -39.50 -15.34
CA GLY D 53 20.14 -38.64 -14.64
C GLY D 53 21.52 -39.24 -14.77
N LEU D 54 21.63 -40.51 -14.44
CA LEU D 54 22.90 -41.20 -14.53
C LEU D 54 23.34 -41.29 -16.01
N THR D 55 22.42 -41.60 -16.91
CA THR D 55 22.79 -41.70 -18.31
C THR D 55 23.39 -40.35 -18.78
N GLU D 56 22.76 -39.25 -18.40
CA GLU D 56 23.26 -37.92 -18.82
C GLU D 56 24.58 -37.55 -18.13
N ILE D 57 24.79 -37.95 -16.87
CA ILE D 57 26.13 -37.74 -16.25
C ILE D 57 27.17 -38.47 -17.10
N LEU D 58 26.83 -39.71 -17.48
CA LEU D 58 27.79 -40.55 -18.22
C LEU D 58 28.13 -40.04 -19.64
N ARG D 59 27.15 -39.48 -20.35
CA ARG D 59 27.32 -38.91 -21.67
C ARG D 59 28.19 -37.67 -21.56
N GLU D 60 28.01 -36.88 -20.49
CA GLU D 60 28.79 -35.65 -20.36
C GLU D 60 30.23 -35.97 -19.98
N THR D 61 30.38 -37.00 -19.16
CA THR D 61 31.66 -37.36 -18.58
C THR D 61 32.51 -38.11 -19.60
N TYR D 62 31.88 -38.97 -20.40
CA TYR D 62 32.56 -39.89 -21.31
C TYR D 62 31.97 -39.81 -22.71
N PRO D 63 32.23 -38.70 -23.41
CA PRO D 63 31.63 -38.57 -24.73
C PRO D 63 32.07 -39.65 -25.73
N GLU D 64 33.17 -40.33 -25.42
CA GLU D 64 33.65 -41.43 -26.25
C GLU D 64 32.84 -42.72 -26.06
N LYS D 65 32.28 -42.92 -24.87
CA LYS D 65 31.53 -44.18 -24.62
C LYS D 65 30.21 -44.23 -25.39
N ASN D 66 29.67 -45.45 -25.54
CA ASN D 66 28.36 -45.65 -26.11
C ASN D 66 27.42 -45.87 -24.96
N ILE D 67 26.54 -44.91 -24.71
CA ILE D 67 25.70 -44.96 -23.51
C ILE D 67 24.24 -44.95 -23.95
N PHE D 68 23.40 -45.89 -23.49
CA PHE D 68 22.02 -45.88 -23.93
C PHE D 68 21.08 -46.01 -22.74
N ALA D 69 19.88 -45.42 -22.84
CA ALA D 69 18.88 -45.63 -21.81
C ALA D 69 17.63 -46.34 -22.48
N VAL D 70 17.23 -47.51 -22.01
CA VAL D 70 16.22 -48.32 -22.76
C VAL D 70 14.96 -48.46 -21.97
N GLY D 71 13.91 -49.06 -22.57
CA GLY D 71 12.62 -49.26 -21.90
C GLY D 71 11.50 -48.57 -22.68
N THR D 72 10.30 -48.69 -22.18
CA THR D 72 9.19 -48.07 -22.86
C THR D 72 8.88 -46.72 -22.21
N PRO D 73 8.73 -45.63 -22.99
CA PRO D 73 8.45 -44.34 -22.29
C PRO D 73 7.16 -44.31 -21.51
N GLU D 74 7.05 -43.45 -20.50
CA GLU D 74 5.78 -43.08 -19.93
C GLU D 74 5.34 -41.75 -20.59
N PRO D 75 4.20 -41.76 -21.34
CA PRO D 75 3.75 -40.53 -22.01
C PRO D 75 3.78 -39.27 -21.14
N SER D 76 3.34 -39.38 -19.87
CA SER D 76 3.30 -38.19 -19.03
C SER D 76 4.69 -37.72 -18.54
N LEU D 77 5.75 -38.45 -18.91
CA LEU D 77 7.13 -38.15 -18.43
C LEU D 77 8.13 -38.03 -19.56
N SER D 78 7.69 -38.25 -20.79
CA SER D 78 8.57 -38.22 -21.94
C SER D 78 9.30 -36.89 -22.03
N PHE D 79 8.60 -35.82 -21.70
CA PHE D 79 9.21 -34.47 -21.73
C PHE D 79 10.56 -34.49 -21.05
N LEU D 80 10.77 -35.37 -20.05
CA LEU D 80 12.04 -35.35 -19.32
C LEU D 80 13.24 -35.76 -20.16
N TYR D 81 13.08 -36.79 -21.02
CA TYR D 81 14.22 -37.41 -21.73
C TYR D 81 13.77 -38.38 -22.78
N SER D 82 14.46 -38.51 -23.92
CA SER D 82 14.03 -39.50 -24.94
C SER D 82 14.80 -40.77 -24.66
N LEU D 83 14.19 -41.91 -24.92
CA LEU D 83 14.89 -43.20 -24.76
C LEU D 83 15.52 -43.68 -26.10
N ASP D 84 16.38 -44.68 -26.02
CA ASP D 84 17.12 -45.27 -27.14
C ASP D 84 16.58 -46.62 -27.50
N GLU D 85 16.59 -46.92 -28.81
CA GLU D 85 16.26 -48.31 -29.27
C GLU D 85 17.57 -48.98 -29.61
N VAL D 86 17.79 -50.20 -29.13
CA VAL D 86 19.13 -50.81 -29.18
C VAL D 86 18.97 -52.24 -29.64
N ASP D 87 19.82 -52.71 -30.57
CA ASP D 87 19.78 -54.12 -31.05
C ASP D 87 20.21 -55.04 -29.95
N ASN D 88 19.76 -56.30 -30.03
CA ASN D 88 20.24 -57.35 -29.11
C ASN D 88 21.76 -57.38 -29.05
N GLU D 89 22.38 -57.28 -30.23
CA GLU D 89 23.81 -57.46 -30.38
C GLU D 89 24.62 -56.37 -29.63
N THR D 90 24.05 -55.16 -29.49
CA THR D 90 24.71 -54.08 -28.69
C THR D 90 25.05 -54.51 -27.25
N TYR D 91 24.28 -55.42 -26.66
CA TYR D 91 24.58 -55.90 -25.29
C TYR D 91 25.91 -56.61 -25.11
N GLU D 92 26.42 -57.19 -26.19
CA GLU D 92 27.59 -58.05 -26.00
C GLU D 92 28.77 -57.25 -25.48
N GLY D 93 29.31 -57.62 -24.34
CA GLY D 93 30.49 -56.89 -23.88
C GLY D 93 30.10 -55.65 -23.08
N ALA D 94 28.81 -55.37 -22.95
CA ALA D 94 28.39 -54.13 -22.26
C ALA D 94 28.25 -54.28 -20.76
N LEU D 95 28.38 -53.14 -20.08
CA LEU D 95 27.93 -52.96 -18.72
C LEU D 95 26.47 -52.49 -18.71
N VAL D 96 25.65 -53.25 -17.99
CA VAL D 96 24.21 -52.96 -17.88
C VAL D 96 23.97 -52.45 -16.46
N ILE D 97 23.30 -51.32 -16.33
CA ILE D 97 23.03 -50.75 -15.01
C ILE D 97 21.54 -50.58 -14.77
N VAL D 98 21.00 -51.37 -13.84
CA VAL D 98 19.58 -51.25 -13.52
C VAL D 98 19.33 -50.34 -12.27
N CYS D 99 18.50 -49.33 -12.48
CA CYS D 99 18.17 -48.35 -11.42
C CYS D 99 16.73 -48.53 -10.98
N ASP D 100 16.52 -48.42 -9.66
CA ASP D 100 15.22 -48.26 -9.07
C ASP D 100 14.31 -49.43 -9.38
N THR D 101 14.86 -50.64 -9.37
CA THR D 101 14.02 -51.81 -9.58
C THR D 101 14.33 -52.91 -8.52
N ALA D 102 13.40 -53.14 -7.60
CA ALA D 102 13.65 -54.08 -6.51
C ALA D 102 13.70 -55.54 -6.97
N ASN D 103 12.85 -55.92 -7.93
CA ASN D 103 12.79 -57.32 -8.43
C ASN D 103 13.01 -57.42 -9.94
N GLN D 104 13.84 -58.38 -10.33
CA GLN D 104 14.24 -58.54 -11.73
C GLN D 104 13.08 -58.61 -12.72
N GLU D 105 11.94 -59.16 -12.29
CA GLU D 105 10.84 -59.38 -13.21
C GLU D 105 10.14 -58.07 -13.60
N ARG D 106 10.42 -57.04 -12.82
CA ARG D 106 9.88 -55.72 -13.08
C ARG D 106 10.81 -54.86 -13.94
N ILE D 107 11.99 -55.38 -14.26
CA ILE D 107 12.90 -54.58 -15.06
C ILE D 107 12.36 -54.36 -16.46
N ASP D 108 12.27 -53.11 -16.89
CA ASP D 108 11.80 -52.79 -18.22
C ASP D 108 12.88 -53.14 -19.21
N ASP D 109 12.50 -53.99 -20.15
CA ASP D 109 13.43 -54.60 -21.10
C ASP D 109 14.22 -55.70 -20.40
N GLN D 110 13.86 -56.93 -20.73
CA GLN D 110 14.39 -58.11 -20.14
C GLN D 110 15.76 -58.55 -20.69
N ARG D 111 16.37 -57.74 -21.54
CA ARG D 111 17.74 -58.01 -21.97
C ARG D 111 18.87 -57.73 -20.96
N TYR D 112 18.50 -57.18 -19.84
CA TYR D 112 19.43 -56.67 -18.83
C TYR D 112 20.55 -57.71 -18.43
N PRO D 113 20.28 -59.03 -18.47
CA PRO D 113 21.38 -59.90 -18.04
C PRO D 113 22.27 -60.41 -19.20
N SER D 114 22.06 -59.88 -20.39
CA SER D 114 22.81 -60.35 -21.58
C SER D 114 24.12 -59.57 -21.88
N GLY D 115 24.50 -58.63 -21.03
CA GLY D 115 25.78 -57.97 -21.15
C GLY D 115 26.90 -58.73 -20.45
N ALA D 116 28.10 -58.14 -20.43
CA ALA D 116 29.27 -58.68 -19.74
C ALA D 116 29.18 -58.54 -18.20
N LYS D 117 28.50 -57.47 -17.73
CA LYS D 117 28.43 -57.15 -16.28
C LYS D 117 27.06 -56.53 -15.98
N LEU D 118 26.58 -56.79 -14.77
CA LEU D 118 25.28 -56.30 -14.35
C LEU D 118 25.39 -55.56 -13.00
N MET D 119 24.87 -54.32 -12.93
CA MET D 119 25.06 -53.47 -11.76
C MET D 119 23.67 -53.07 -11.29
N LYS D 120 23.44 -53.28 -9.98
CA LYS D 120 22.14 -52.90 -9.34
C LYS D 120 22.25 -51.66 -8.43
N ILE D 121 21.39 -50.67 -8.68
CA ILE D 121 21.37 -49.47 -7.83
C ILE D 121 19.93 -49.23 -7.44
N ASP D 122 19.67 -49.31 -6.15
CA ASP D 122 18.26 -49.21 -5.68
C ASP D 122 18.15 -48.72 -4.24
N ALA D 123 16.99 -48.16 -3.90
CA ALA D 123 16.74 -47.68 -2.57
C ALA D 123 15.65 -48.52 -1.88
N HIS D 124 15.27 -49.67 -2.45
CA HIS D 124 14.22 -50.51 -1.81
C HIS D 124 14.91 -51.68 -1.15
N PRO D 125 14.23 -52.32 -0.18
CA PRO D 125 14.88 -53.45 0.50
C PRO D 125 15.39 -54.49 -0.52
N ASN D 126 16.59 -55.01 -0.24
CA ASN D 126 17.33 -55.93 -1.11
C ASN D 126 16.82 -57.40 -0.97
N GLU D 127 15.53 -57.61 -1.20
CA GLU D 127 14.95 -58.94 -1.19
C GLU D 127 15.42 -59.77 -2.38
N ASP D 128 15.50 -59.14 -3.55
CA ASP D 128 15.93 -59.87 -4.80
C ASP D 128 17.32 -59.34 -5.12
N PRO D 129 18.35 -59.95 -4.54
CA PRO D 129 19.68 -59.35 -4.64
C PRO D 129 20.49 -59.64 -5.91
N TYR D 130 19.97 -59.25 -7.07
CA TYR D 130 20.62 -59.48 -8.35
C TYR D 130 21.86 -58.61 -8.73
N GLY D 131 22.63 -59.10 -9.69
CA GLY D 131 23.77 -58.33 -10.25
C GLY D 131 25.16 -58.80 -9.78
N ASP D 132 26.18 -58.48 -10.58
CA ASP D 132 27.59 -58.70 -10.20
C ASP D 132 28.02 -57.67 -9.14
N LEU D 133 27.52 -56.45 -9.27
CA LEU D 133 27.73 -55.40 -8.29
C LEU D 133 26.38 -54.95 -7.77
N LEU D 134 26.36 -54.49 -6.52
CA LEU D 134 25.12 -54.11 -5.87
C LEU D 134 25.32 -52.91 -4.95
N TRP D 135 24.46 -51.90 -5.08
CA TRP D 135 24.50 -50.80 -4.16
C TRP D 135 23.07 -50.46 -3.80
N VAL D 136 22.63 -50.85 -2.61
CA VAL D 136 21.26 -50.55 -2.19
C VAL D 136 21.37 -49.76 -0.93
N ASP D 137 20.62 -48.67 -0.88
CA ASP D 137 20.69 -47.83 0.32
C ASP D 137 19.25 -47.47 0.72
N THR D 138 18.69 -48.18 1.69
CA THR D 138 17.30 -47.96 2.10
C THR D 138 17.07 -46.69 2.88
N SER D 139 18.15 -46.04 3.30
CA SER D 139 18.05 -44.74 3.96
C SER D 139 17.86 -43.57 2.98
N ALA D 140 18.14 -43.80 1.71
CA ALA D 140 17.96 -42.77 0.71
C ALA D 140 16.49 -42.46 0.45
N SER D 141 16.17 -41.22 0.10
CA SER D 141 14.80 -40.80 -0.27
C SER D 141 14.35 -41.58 -1.51
N SER D 142 15.30 -41.78 -2.43
CA SER D 142 14.97 -42.13 -3.78
C SER D 142 16.25 -42.56 -4.43
N VAL D 143 16.15 -43.32 -5.50
CA VAL D 143 17.34 -43.65 -6.32
C VAL D 143 17.93 -42.40 -6.97
N SER D 144 17.11 -41.38 -7.27
CA SER D 144 17.64 -40.13 -7.83
C SER D 144 18.65 -39.47 -6.84
N GLU D 145 18.28 -39.47 -5.56
CA GLU D 145 19.19 -39.02 -4.52
C GLU D 145 20.48 -39.84 -4.46
N MET D 146 20.34 -41.15 -4.54
CA MET D 146 21.55 -42.03 -4.69
C MET D 146 22.42 -41.65 -5.86
N ILE D 147 21.80 -41.30 -6.99
CA ILE D 147 22.62 -40.91 -8.18
C ILE D 147 23.38 -39.60 -7.87
N TYR D 148 22.71 -38.66 -7.19
CA TYR D 148 23.47 -37.44 -6.86
C TYR D 148 24.65 -37.78 -5.90
N GLU D 149 24.44 -38.62 -4.91
CA GLU D 149 25.53 -38.98 -4.00
C GLU D 149 26.64 -39.79 -4.70
N LEU D 150 26.26 -40.61 -5.67
CA LEU D 150 27.25 -41.26 -6.53
C LEU D 150 28.06 -40.26 -7.35
N TYR D 151 27.38 -39.22 -7.80
CA TYR D 151 28.09 -38.14 -8.50
C TYR D 151 28.99 -37.35 -7.53
N LEU D 152 28.58 -37.16 -6.28
CA LEU D 152 29.47 -36.41 -5.38
C LEU D 152 30.80 -37.17 -5.19
N GLU D 153 30.78 -38.51 -5.15
CA GLU D 153 32.05 -39.24 -5.06
C GLU D 153 32.73 -39.30 -6.41
N GLY D 154 31.92 -39.44 -7.47
CA GLY D 154 32.43 -39.39 -8.83
C GLY D 154 33.15 -38.15 -9.29
N LYS D 155 32.79 -37.00 -8.74
CA LYS D 155 33.42 -35.75 -9.09
C LYS D 155 34.96 -35.77 -8.88
N GLU D 156 35.41 -36.43 -7.82
CA GLU D 156 36.84 -36.58 -7.57
C GLU D 156 37.51 -37.49 -8.60
N HIS D 157 36.70 -38.28 -9.31
CA HIS D 157 37.21 -39.21 -10.34
C HIS D 157 36.87 -38.68 -11.73
N GLY D 158 36.62 -37.37 -11.85
CA GLY D 158 36.36 -36.81 -13.18
C GLY D 158 34.89 -36.65 -13.61
N TRP D 159 33.92 -37.09 -12.81
CA TRP D 159 32.55 -37.00 -13.31
C TRP D 159 32.08 -35.55 -13.38
N LYS D 160 31.24 -35.26 -14.36
CA LYS D 160 30.74 -33.94 -14.67
C LYS D 160 29.19 -33.94 -14.64
N LEU D 161 28.60 -33.01 -13.91
CA LEU D 161 27.16 -32.87 -13.89
C LEU D 161 26.76 -31.68 -14.75
N ASN D 162 25.84 -31.86 -15.70
CA ASN D 162 25.38 -30.70 -16.48
C ASN D 162 23.94 -30.29 -16.12
N THR D 163 23.46 -29.24 -16.75
CA THR D 163 22.09 -28.74 -16.47
C THR D 163 20.97 -29.79 -16.63
N LYS D 164 21.03 -30.55 -17.69
CA LYS D 164 19.99 -31.55 -17.93
C LYS D 164 20.05 -32.63 -16.90
N ALA D 165 21.24 -33.14 -16.61
CA ALA D 165 21.34 -34.17 -15.59
C ALA D 165 20.83 -33.63 -14.26
N ALA D 166 21.16 -32.38 -13.92
CA ALA D 166 20.68 -31.82 -12.63
C ALA D 166 19.11 -31.74 -12.60
N GLU D 167 18.52 -31.26 -13.70
CA GLU D 167 17.08 -31.18 -13.82
C GLU D 167 16.47 -32.57 -13.64
N LEU D 168 17.04 -33.58 -14.34
CA LEU D 168 16.57 -34.96 -14.17
C LEU D 168 16.57 -35.43 -12.74
N ILE D 169 17.71 -35.26 -12.06
CA ILE D 169 17.85 -35.81 -10.67
C ILE D 169 16.83 -35.07 -9.73
N TYR D 170 16.69 -33.77 -9.97
CA TYR D 170 15.74 -32.95 -9.16
C TYR D 170 14.30 -33.40 -9.42
N ALA D 171 13.99 -33.73 -10.66
CA ALA D 171 12.65 -34.18 -11.03
C ALA D 171 12.37 -35.47 -10.31
N GLY D 172 13.35 -36.36 -10.36
CA GLY D 172 13.18 -37.65 -9.58
C GLY D 172 12.95 -37.44 -8.10
N ILE D 173 13.75 -36.59 -7.47
CA ILE D 173 13.65 -36.32 -6.04
C ILE D 173 12.27 -35.69 -5.70
N VAL D 174 11.92 -34.66 -6.46
CA VAL D 174 10.61 -33.95 -6.24
C VAL D 174 9.43 -34.93 -6.48
N GLY D 175 9.49 -35.72 -7.55
CA GLY D 175 8.47 -36.76 -7.78
C GLY D 175 8.35 -37.77 -6.69
N ASP D 176 9.47 -38.35 -6.27
CA ASP D 176 9.43 -39.40 -5.31
C ASP D 176 9.05 -38.98 -3.89
N THR D 177 9.31 -37.72 -3.49
CA THR D 177 9.04 -37.24 -2.16
C THR D 177 7.72 -36.44 -2.09
N GLY D 178 6.98 -36.37 -3.20
CA GLY D 178 5.76 -35.54 -3.25
C GLY D 178 6.19 -34.10 -3.01
N ARG D 179 7.31 -33.72 -3.64
CA ARG D 179 7.89 -32.39 -3.44
C ARG D 179 8.18 -32.08 -1.90
N PHE D 180 9.02 -32.93 -1.32
CA PHE D 180 9.45 -32.81 0.06
C PHE D 180 8.31 -32.90 1.10
N LEU D 181 7.19 -33.53 0.72
CA LEU D 181 6.10 -33.74 1.65
C LEU D 181 6.26 -35.07 2.39
N PHE D 182 6.68 -36.12 1.68
CA PHE D 182 6.63 -37.48 2.23
C PHE D 182 7.77 -37.77 3.22
N PRO D 183 7.58 -38.78 4.07
CA PRO D 183 8.63 -38.91 5.10
C PRO D 183 9.92 -39.66 4.59
N ASN D 184 10.02 -40.00 3.30
CA ASN D 184 11.30 -40.44 2.76
C ASN D 184 12.22 -39.24 2.63
N THR D 185 11.67 -38.01 2.76
CA THR D 185 12.43 -36.75 2.69
C THR D 185 13.34 -36.58 3.89
N THR D 186 14.62 -36.35 3.70
CA THR D 186 15.48 -36.16 4.85
C THR D 186 16.26 -34.87 4.69
N GLU D 187 17.07 -34.58 5.70
CA GLU D 187 17.87 -33.40 5.65
C GLU D 187 18.86 -33.47 4.46
N LYS D 188 19.27 -34.68 4.10
CA LYS D 188 20.11 -34.89 2.93
C LYS D 188 19.39 -34.55 1.63
N THR D 189 18.10 -34.89 1.55
CA THR D 189 17.30 -34.65 0.35
C THR D 189 17.16 -33.16 0.06
N LEU D 190 16.96 -32.38 1.12
CA LEU D 190 16.71 -30.94 0.97
C LEU D 190 18.04 -30.25 0.62
N LYS D 191 19.10 -30.69 1.28
CA LYS D 191 20.44 -30.12 0.95
C LYS D 191 20.83 -30.35 -0.49
N TYR D 192 20.60 -31.57 -0.98
CA TYR D 192 20.94 -31.87 -2.38
C TYR D 192 20.07 -31.10 -3.34
N ALA D 193 18.80 -30.96 -2.98
CA ALA D 193 17.88 -30.21 -3.82
C ALA D 193 18.40 -28.75 -3.95
N GLY D 194 18.91 -28.20 -2.86
CA GLY D 194 19.42 -26.84 -2.98
C GLY D 194 20.67 -26.74 -3.84
N GLU D 195 21.49 -27.80 -3.79
CA GLU D 195 22.63 -27.84 -4.71
C GLU D 195 22.18 -27.99 -6.18
N LEU D 196 21.16 -28.84 -6.44
CA LEU D 196 20.66 -29.02 -7.83
C LEU D 196 20.01 -27.80 -8.46
N ILE D 197 19.19 -27.09 -7.68
CA ILE D 197 18.43 -25.92 -8.19
C ILE D 197 19.34 -24.73 -8.63
N GLN D 198 20.61 -24.78 -8.24
CA GLN D 198 21.62 -23.83 -8.70
C GLN D 198 21.89 -23.99 -10.18
N TYR D 199 21.53 -25.15 -10.76
CA TYR D 199 21.69 -25.30 -12.21
C TYR D 199 20.65 -24.50 -12.94
N PRO D 200 21.01 -23.97 -14.12
CA PRO D 200 20.05 -23.05 -14.73
C PRO D 200 18.93 -23.79 -15.47
N PHE D 201 18.21 -24.72 -14.83
CA PHE D 201 17.00 -25.20 -15.50
C PHE D 201 15.81 -24.49 -14.86
N SER D 202 14.68 -24.43 -15.55
CA SER D 202 13.48 -23.86 -14.98
C SER D 202 12.76 -24.83 -14.11
N SER D 203 12.84 -24.62 -12.81
CA SER D 203 12.01 -25.37 -11.87
C SER D 203 10.51 -25.14 -12.06
N SER D 204 10.11 -23.97 -12.55
CA SER D 204 8.69 -23.67 -12.71
C SER D 204 8.14 -24.48 -13.85
N GLU D 205 8.83 -24.48 -14.98
CA GLU D 205 8.45 -25.29 -16.12
C GLU D 205 8.46 -26.77 -15.78
N LEU D 206 9.47 -27.24 -15.06
CA LEU D 206 9.49 -28.64 -14.60
C LEU D 206 8.19 -28.97 -13.81
N PHE D 207 7.87 -28.14 -12.81
CA PHE D 207 6.66 -28.36 -12.05
C PHE D 207 5.43 -28.30 -12.98
N ASN D 208 5.38 -27.35 -13.94
CA ASN D 208 4.14 -27.27 -14.78
C ASN D 208 3.96 -28.57 -15.52
N GLN D 209 5.05 -29.18 -16.01
CA GLN D 209 4.90 -30.40 -16.78
C GLN D 209 4.62 -31.62 -15.90
N LEU D 210 5.29 -31.71 -14.74
CA LEU D 210 5.02 -32.84 -13.81
C LEU D 210 3.59 -32.87 -13.33
N TYR D 211 3.00 -31.69 -13.14
CA TYR D 211 1.65 -31.62 -12.49
C TYR D 211 0.48 -31.34 -13.45
N GLU D 212 0.79 -31.11 -14.72
CA GLU D 212 -0.25 -30.86 -15.71
C GLU D 212 -1.32 -31.94 -15.61
N THR D 213 -2.61 -31.52 -15.52
CA THR D 213 -3.73 -32.41 -15.31
C THR D 213 -4.82 -32.06 -16.32
N LYS D 214 -5.38 -33.06 -17.00
CA LYS D 214 -6.45 -32.83 -18.00
C LYS D 214 -7.64 -32.14 -17.38
N LEU D 215 -8.28 -31.23 -18.11
CA LEU D 215 -9.39 -30.49 -17.49
C LEU D 215 -10.56 -31.44 -17.09
N ASN D 216 -10.79 -32.51 -17.85
CA ASN D 216 -11.90 -33.46 -17.48
C ASN D 216 -11.70 -34.13 -16.10
N VAL D 217 -10.43 -34.48 -15.82
CA VAL D 217 -10.01 -35.04 -14.53
C VAL D 217 -10.18 -34.00 -13.44
N VAL D 218 -9.84 -32.74 -13.72
CA VAL D 218 -10.02 -31.69 -12.73
C VAL D 218 -11.52 -31.59 -12.46
N LYS D 219 -12.33 -31.66 -13.51
CA LYS D 219 -13.75 -31.47 -13.28
C LYS D 219 -14.31 -32.67 -12.52
N LEU D 220 -13.87 -33.87 -12.83
CA LEU D 220 -14.25 -35.03 -11.95
C LEU D 220 -13.85 -34.83 -10.49
N ASN D 221 -12.62 -34.37 -10.30
CA ASN D 221 -12.18 -33.99 -8.96
C ASN D 221 -13.09 -32.98 -8.29
N GLY D 222 -13.66 -32.07 -9.07
CA GLY D 222 -14.60 -31.10 -8.48
C GLY D 222 -15.91 -31.77 -8.11
N PHE D 223 -16.36 -32.70 -8.92
CA PHE D 223 -17.55 -33.49 -8.54
C PHE D 223 -17.27 -34.24 -7.19
N ILE D 224 -16.08 -34.77 -7.06
CA ILE D 224 -15.71 -35.57 -5.88
C ILE D 224 -15.72 -34.64 -4.67
N PHE D 225 -15.14 -33.43 -4.79
CA PHE D 225 -15.10 -32.48 -3.68
C PHE D 225 -16.47 -31.93 -3.36
N GLN D 226 -17.28 -31.70 -4.38
CA GLN D 226 -18.66 -31.24 -4.09
C GLN D 226 -19.52 -32.32 -3.46
N ASN D 227 -19.28 -33.59 -3.78
CA ASN D 227 -20.19 -34.64 -3.39
C ASN D 227 -19.73 -35.56 -2.25
N VAL D 228 -18.62 -35.24 -1.61
CA VAL D 228 -18.21 -36.00 -0.46
C VAL D 228 -19.23 -35.85 0.71
N SER D 229 -19.54 -36.96 1.38
CA SER D 229 -20.34 -36.92 2.62
C SER D 229 -19.41 -37.19 3.76
N LEU D 230 -19.45 -36.37 4.79
CA LEU D 230 -18.61 -36.57 5.98
C LEU D 230 -19.46 -36.67 7.26
N SER D 231 -19.27 -37.75 8.03
CA SER D 231 -20.08 -37.97 9.24
C SER D 231 -19.45 -37.37 10.49
N GLU D 232 -20.26 -37.13 11.51
CA GLU D 232 -19.80 -36.61 12.79
C GLU D 232 -18.70 -37.46 13.38
N ASN D 233 -18.66 -38.70 12.96
CA ASN D 233 -17.53 -39.60 13.30
C ASN D 233 -16.28 -39.55 12.41
N GLY D 234 -16.33 -38.74 11.34
CA GLY D 234 -15.15 -38.58 10.49
C GLY D 234 -15.07 -39.65 9.41
N ALA D 235 -16.16 -40.38 9.15
CA ALA D 235 -16.19 -41.29 7.99
C ALA D 235 -16.69 -40.55 6.74
N ALA D 236 -16.04 -40.77 5.59
CA ALA D 236 -16.39 -40.02 4.41
C ALA D 236 -16.53 -41.04 3.30
N SER D 237 -17.37 -40.75 2.31
CA SER D 237 -17.48 -41.63 1.15
C SER D 237 -17.83 -40.83 -0.11
N VAL D 238 -17.48 -41.39 -1.26
CA VAL D 238 -17.80 -40.81 -2.56
C VAL D 238 -18.20 -41.98 -3.42
N PHE D 239 -19.35 -41.84 -4.06
CA PHE D 239 -19.85 -42.75 -5.02
C PHE D 239 -19.67 -42.14 -6.41
N ILE D 240 -19.02 -42.89 -7.30
CA ILE D 240 -18.76 -42.43 -8.64
C ILE D 240 -19.31 -43.51 -9.54
N LYS D 241 -20.53 -43.29 -10.01
CA LYS D 241 -21.20 -44.24 -10.91
C LYS D 241 -20.91 -43.99 -12.38
N LYS D 242 -21.30 -44.97 -13.21
CA LYS D 242 -21.04 -44.91 -14.65
C LYS D 242 -21.58 -43.62 -15.30
N ASP D 243 -22.69 -43.07 -14.85
CA ASP D 243 -23.17 -41.82 -15.46
C ASP D 243 -22.23 -40.60 -15.21
N THR D 244 -21.63 -40.58 -14.03
CA THR D 244 -20.66 -39.56 -13.67
C THR D 244 -19.43 -39.72 -14.52
N LEU D 245 -18.93 -40.96 -14.67
CA LEU D 245 -17.76 -41.21 -15.53
C LEU D 245 -18.01 -40.73 -16.99
N GLU D 246 -19.20 -41.04 -17.48
CA GLU D 246 -19.55 -40.62 -18.83
C GLU D 246 -19.75 -39.11 -18.92
N LYS D 247 -20.39 -38.50 -17.94
CA LYS D 247 -20.54 -37.05 -17.97
C LYS D 247 -19.16 -36.35 -18.17
N PHE D 248 -18.11 -36.78 -17.44
CA PHE D 248 -16.81 -36.11 -17.54
C PHE D 248 -15.89 -36.68 -18.57
N GLY D 249 -16.31 -37.79 -19.22
CA GLY D 249 -15.38 -38.56 -20.03
C GLY D 249 -14.09 -39.05 -19.35
N THR D 250 -14.19 -39.47 -18.09
CA THR D 250 -13.01 -39.98 -17.34
C THR D 250 -13.12 -41.51 -17.23
N THR D 251 -11.98 -42.22 -17.19
CA THR D 251 -12.05 -43.66 -16.94
C THR D 251 -12.28 -43.93 -15.47
N ALA D 252 -12.67 -45.17 -15.20
CA ALA D 252 -12.83 -45.65 -13.81
C ALA D 252 -11.52 -45.50 -13.06
N SER D 253 -10.44 -45.88 -13.73
CA SER D 253 -9.08 -45.75 -13.18
C SER D 253 -8.70 -44.29 -12.81
N GLU D 254 -8.99 -43.35 -13.71
CA GLU D 254 -8.83 -41.94 -13.36
C GLU D 254 -9.56 -41.56 -12.06
N ALA D 255 -10.81 -42.04 -11.89
CA ALA D 255 -11.55 -41.71 -10.69
C ALA D 255 -10.91 -42.35 -9.44
N SER D 256 -10.54 -43.63 -9.53
CA SER D 256 -9.91 -44.27 -8.38
C SER D 256 -8.61 -43.63 -7.93
N GLN D 257 -7.88 -43.08 -8.86
CA GLN D 257 -6.63 -42.43 -8.59
C GLN D 257 -6.81 -41.16 -7.74
N LEU D 258 -8.03 -40.67 -7.61
CA LEU D 258 -8.23 -39.41 -6.87
C LEU D 258 -8.66 -39.64 -5.42
N VAL D 259 -8.56 -40.91 -4.98
CA VAL D 259 -9.02 -41.29 -3.63
C VAL D 259 -8.20 -40.53 -2.59
N GLY D 260 -6.92 -40.24 -2.88
CA GLY D 260 -6.09 -39.61 -1.87
C GLY D 260 -6.41 -38.12 -1.64
N THR D 261 -7.21 -37.53 -2.53
CA THR D 261 -7.41 -36.06 -2.53
C THR D 261 -8.34 -35.58 -1.44
N LEU D 262 -8.92 -36.50 -0.68
CA LEU D 262 -9.73 -36.07 0.42
C LEU D 262 -9.00 -35.86 1.72
N GLY D 263 -7.70 -36.12 1.75
CA GLY D 263 -6.96 -36.32 3.06
C GLY D 263 -6.68 -35.06 3.83
N ASN D 264 -7.01 -33.88 3.28
CA ASN D 264 -6.87 -32.61 4.01
C ASN D 264 -8.18 -31.99 4.48
N ILE D 265 -9.28 -32.71 4.27
CA ILE D 265 -10.60 -32.27 4.84
C ILE D 265 -10.57 -32.24 6.35
N SER D 266 -10.93 -31.10 6.94
CA SER D 266 -11.02 -30.98 8.39
C SER D 266 -11.88 -32.05 9.04
N GLY D 267 -11.32 -32.78 9.99
CA GLY D 267 -12.04 -33.80 10.77
C GLY D 267 -12.21 -35.15 10.09
N ILE D 268 -11.59 -35.34 8.93
CA ILE D 268 -11.74 -36.60 8.21
C ILE D 268 -10.88 -37.65 8.94
N ARG D 269 -11.39 -38.88 9.04
CA ARG D 269 -10.65 -39.96 9.72
C ARG D 269 -10.37 -41.12 8.78
N ALA D 270 -11.43 -41.60 8.13
CA ALA D 270 -11.24 -42.60 7.11
C ALA D 270 -12.29 -42.46 6.07
N TRP D 271 -11.97 -42.96 4.86
CA TRP D 271 -12.91 -42.79 3.82
C TRP D 271 -12.89 -43.88 2.76
N VAL D 272 -13.95 -43.89 1.94
CA VAL D 272 -14.11 -44.90 0.89
C VAL D 272 -14.57 -44.30 -0.44
N PHE D 273 -14.00 -44.78 -1.55
CA PHE D 273 -14.51 -44.49 -2.90
C PHE D 273 -15.16 -45.75 -3.43
N PHE D 274 -16.37 -45.61 -3.96
CA PHE D 274 -16.98 -46.65 -4.80
C PHE D 274 -17.01 -46.20 -6.20
N VAL D 275 -16.32 -46.92 -7.09
CA VAL D 275 -16.23 -46.50 -8.48
C VAL D 275 -16.79 -47.67 -9.30
N GLU D 276 -17.85 -47.38 -10.06
CA GLU D 276 -18.54 -48.40 -10.86
C GLU D 276 -17.75 -48.71 -12.11
N GLU D 277 -17.45 -49.98 -12.32
CA GLU D 277 -16.78 -50.44 -13.53
C GLU D 277 -17.72 -51.44 -14.25
N ASP D 278 -17.28 -52.02 -15.37
CA ASP D 278 -18.10 -52.98 -16.15
C ASP D 278 -18.44 -54.21 -15.40
N ASP D 279 -17.49 -54.74 -14.59
CA ASP D 279 -17.60 -56.07 -14.02
C ASP D 279 -17.70 -56.09 -12.52
N GLN D 280 -17.54 -54.94 -11.91
CA GLN D 280 -17.51 -54.81 -10.48
C GLN D 280 -17.71 -53.35 -10.01
N ILE D 281 -17.87 -53.17 -8.70
CA ILE D 281 -17.72 -51.86 -8.13
C ILE D 281 -16.36 -51.91 -7.43
N ARG D 282 -15.46 -51.00 -7.82
CA ARG D 282 -14.08 -51.01 -7.28
C ARG D 282 -14.18 -50.21 -6.00
N VAL D 283 -13.64 -50.75 -4.88
CA VAL D 283 -13.70 -50.09 -3.61
C VAL D 283 -12.26 -49.71 -3.18
N ARG D 284 -12.06 -48.46 -2.78
CA ARG D 284 -10.74 -48.13 -2.22
C ARG D 284 -10.94 -47.47 -0.91
N PHE D 285 -10.21 -47.98 0.07
CA PHE D 285 -10.23 -47.50 1.47
C PHE D 285 -8.96 -46.65 1.83
N ARG D 286 -9.14 -45.53 2.51
CA ARG D 286 -8.00 -44.72 2.97
C ARG D 286 -8.23 -44.27 4.40
N SER D 287 -7.16 -44.10 5.18
CA SER D 287 -7.36 -43.69 6.57
C SER D 287 -6.25 -42.77 7.06
N LYS D 288 -6.58 -41.91 7.98
CA LYS D 288 -5.50 -41.11 8.60
C LYS D 288 -5.25 -41.56 10.01
N GLY D 289 -5.86 -42.67 10.41
CA GLY D 289 -5.67 -43.23 11.73
C GLY D 289 -6.18 -44.65 11.87
N PRO D 290 -7.50 -44.77 12.09
CA PRO D 290 -8.15 -46.10 12.29
C PRO D 290 -7.73 -47.10 11.17
N VAL D 291 -7.29 -48.29 11.57
CA VAL D 291 -6.82 -49.32 10.66
C VAL D 291 -8.04 -49.78 9.81
N ILE D 292 -7.89 -49.85 8.49
CA ILE D 292 -9.03 -50.18 7.61
C ILE D 292 -8.78 -51.42 6.77
N ASN D 293 -7.67 -52.11 7.02
CA ASN D 293 -7.43 -53.34 6.29
C ASN D 293 -8.28 -54.56 6.74
N GLY D 294 -8.76 -54.51 7.99
CA GLY D 294 -9.67 -55.54 8.55
C GLY D 294 -11.01 -55.38 7.85
N LEU D 295 -11.42 -54.12 7.66
CA LEU D 295 -12.68 -53.85 6.97
C LEU D 295 -12.60 -54.32 5.50
N ALA D 296 -11.48 -54.04 4.85
CA ALA D 296 -11.31 -54.49 3.51
C ALA D 296 -11.37 -56.02 3.46
N ARG D 297 -10.70 -56.67 4.41
CA ARG D 297 -10.67 -58.13 4.42
C ARG D 297 -12.04 -58.73 4.63
N LYS D 298 -12.85 -58.10 5.47
CA LYS D 298 -14.22 -58.47 5.66
C LYS D 298 -15.01 -58.48 4.35
N TYR D 299 -14.64 -57.64 3.38
CA TYR D 299 -15.34 -57.63 2.10
C TYR D 299 -14.53 -58.30 1.00
N ASN D 300 -13.67 -59.25 1.36
CA ASN D 300 -12.93 -60.03 0.36
C ASN D 300 -11.80 -59.29 -0.38
N GLY D 301 -11.24 -58.28 0.27
CA GLY D 301 -10.10 -57.54 -0.24
C GLY D 301 -9.05 -57.52 0.87
N GLY D 302 -8.29 -56.41 0.94
CA GLY D 302 -7.22 -56.30 1.96
C GLY D 302 -6.21 -55.27 1.49
N GLY D 303 -4.99 -55.32 2.03
CA GLY D 303 -3.97 -54.33 1.72
C GLY D 303 -3.40 -53.75 3.01
N HIS D 304 -2.89 -52.53 2.93
CA HIS D 304 -2.24 -51.85 4.07
C HIS D 304 -3.22 -51.25 5.08
N PRO D 305 -2.76 -51.07 6.34
CA PRO D 305 -3.58 -50.54 7.40
C PRO D 305 -4.28 -49.24 7.00
N LEU D 306 -3.64 -48.37 6.21
CA LEU D 306 -4.29 -47.07 5.92
C LEU D 306 -4.62 -46.92 4.44
N ALA D 307 -4.35 -47.96 3.63
CA ALA D 307 -4.76 -47.93 2.20
C ALA D 307 -5.03 -49.38 1.81
N SER D 308 -6.31 -49.69 1.58
CA SER D 308 -6.70 -51.03 1.17
C SER D 308 -7.78 -50.94 0.13
N GLY D 309 -8.16 -52.11 -0.37
CA GLY D 309 -9.18 -52.13 -1.44
C GLY D 309 -9.95 -53.44 -1.43
N ALA D 310 -11.04 -53.48 -2.23
CA ALA D 310 -11.89 -54.67 -2.40
C ALA D 310 -12.70 -54.49 -3.72
N SER D 311 -13.35 -55.57 -4.16
CA SER D 311 -14.23 -55.41 -5.32
C SER D 311 -15.56 -55.98 -4.85
N ILE D 312 -16.66 -55.28 -5.13
CA ILE D 312 -17.99 -55.76 -4.73
C ILE D 312 -18.90 -55.73 -5.97
N TYR D 313 -20.17 -56.12 -5.79
CA TYR D 313 -21.04 -56.45 -6.93
C TYR D 313 -22.43 -55.86 -6.83
N SER D 314 -22.71 -55.12 -5.77
CA SER D 314 -24.04 -54.54 -5.62
C SER D 314 -24.02 -53.28 -4.76
N TRP D 315 -24.83 -52.29 -5.14
CA TRP D 315 -24.91 -51.06 -4.35
C TRP D 315 -25.38 -51.32 -2.91
N ASP D 316 -26.18 -52.36 -2.74
CA ASP D 316 -26.52 -52.84 -1.40
C ASP D 316 -25.24 -53.15 -0.61
N GLU D 317 -24.28 -53.82 -1.23
CA GLU D 317 -23.01 -54.16 -0.57
C GLU D 317 -22.22 -52.88 -0.24
N ALA D 318 -22.24 -51.90 -1.14
CA ALA D 318 -21.62 -50.61 -0.85
C ALA D 318 -22.15 -50.03 0.47
N ASP D 319 -23.47 -50.01 0.64
CA ASP D 319 -24.14 -49.39 1.77
C ASP D 319 -23.81 -49.97 3.15
N ARG D 320 -23.66 -51.29 3.13
CA ARG D 320 -23.16 -52.04 4.27
C ARG D 320 -21.73 -51.64 4.59
N ILE D 321 -20.86 -51.64 3.58
CA ILE D 321 -19.47 -51.19 3.81
C ILE D 321 -19.45 -49.85 4.53
N LEU D 322 -20.29 -48.93 4.04
CA LEU D 322 -20.40 -47.60 4.60
C LEU D 322 -20.84 -47.64 6.08
N ALA D 323 -21.80 -48.49 6.43
CA ALA D 323 -22.25 -48.57 7.83
C ALA D 323 -21.13 -49.14 8.70
N ASP D 324 -20.42 -50.14 8.17
CA ASP D 324 -19.26 -50.70 8.85
C ASP D 324 -18.12 -49.64 9.03
N LEU D 325 -17.96 -48.76 8.05
CA LEU D 325 -16.95 -47.73 8.17
C LEU D 325 -17.34 -46.70 9.26
N GLU D 326 -18.63 -46.36 9.34
CA GLU D 326 -19.11 -45.44 10.35
C GLU D 326 -18.81 -46.02 11.73
N THR D 327 -19.21 -47.26 11.93
CA THR D 327 -18.89 -48.01 13.14
C THR D 327 -17.39 -48.01 13.46
N LEU D 328 -16.58 -48.33 12.48
CA LEU D 328 -15.13 -48.32 12.71
C LEU D 328 -14.62 -46.93 13.16
N CYS D 329 -15.03 -45.87 12.45
CA CYS D 329 -14.69 -44.50 12.86
C CYS D 329 -15.25 -44.08 14.24
N LYS D 330 -16.46 -44.53 14.55
CA LYS D 330 -17.06 -44.26 15.86
C LYS D 330 -16.23 -44.92 16.96
N GLU D 331 -15.72 -46.11 16.68
CA GLU D 331 -14.88 -46.86 17.63
C GLU D 331 -13.43 -46.35 17.82
N HIS D 332 -12.58 -46.56 16.82
CA HIS D 332 -11.19 -46.13 16.81
C HIS D 332 -10.95 -44.81 16.18
P AMP E . -4.61 -10.37 -4.76
O1P AMP E . -4.56 -11.53 -3.82
O2P AMP E . -4.93 -10.88 -6.12
O3P AMP E . -5.49 -9.34 -4.14
O5' AMP E . -3.12 -9.80 -4.77
C5' AMP E . -2.33 -9.85 -5.96
C4' AMP E . -1.57 -8.55 -6.14
O4' AMP E . -2.46 -7.57 -6.75
C3' AMP E . -1.06 -7.90 -4.86
O3' AMP E . 0.16 -7.21 -5.09
C2' AMP E . -2.18 -6.94 -4.49
O2' AMP E . -1.75 -5.85 -3.71
C1' AMP E . -2.63 -6.47 -5.87
N9 AMP E . -4.03 -6.05 -5.92
C8 AMP E . -5.14 -6.84 -5.71
N7 AMP E . -6.27 -6.18 -5.82
C5 AMP E . -5.89 -4.89 -6.13
C6 AMP E . -6.62 -3.71 -6.37
N6 AMP E . -7.95 -3.64 -6.34
N1 AMP E . -5.91 -2.58 -6.66
C2 AMP E . -4.58 -2.65 -6.68
N3 AMP E . -3.78 -3.70 -6.47
C4 AMP E . -4.50 -4.80 -6.19
P AMP F . 2.09 48.53 5.41
O1P AMP F . 2.11 47.46 4.37
O2P AMP F . 2.37 47.90 6.73
O3P AMP F . 2.94 49.64 4.93
O5' AMP F . 0.57 49.03 5.42
C5' AMP F . -0.29 48.78 6.55
C4' AMP F . -1.16 49.98 6.82
O4' AMP F . -0.37 51.02 7.44
C3' AMP F . -1.80 50.62 5.58
O3' AMP F . -3.08 51.15 5.89
C2' AMP F . -0.81 51.72 5.23
O2' AMP F . -1.39 52.79 4.51
C1' AMP F . -0.36 52.17 6.61
N9 AMP F . 0.99 52.74 6.63
C8 AMP F . 2.17 52.10 6.35
N7 AMP F . 3.23 52.87 6.44
C5 AMP F . 2.71 54.10 6.83
C6 AMP F . 3.31 55.34 7.08
N6 AMP F . 4.63 55.56 7.02
N1 AMP F . 2.50 56.37 7.43
C2 AMP F . 1.19 56.15 7.51
N3 AMP F . 0.51 55.04 7.28
C4 AMP F . 1.33 54.04 6.94
#